data_9BC8
#
_entry.id   9BC8
#
_cell.length_a   1.00
_cell.length_b   1.00
_cell.length_c   1.00
_cell.angle_alpha   90.00
_cell.angle_beta   90.00
_cell.angle_gamma   90.00
#
_symmetry.space_group_name_H-M   'P 1'
#
loop_
_entity.id
_entity.type
_entity.pdbx_description
1 polymer 'Type 1 encapsulin shell protein EncA'
2 polymer 'Encapsulin nanocompartment cargo protein EncC'
#
loop_
_entity_poly.entity_id
_entity_poly.type
_entity_poly.pdbx_seq_one_letter_code
_entity_poly.pdbx_strand_id
1 'polypeptide(L)'
;MPDFLGHAENPLREEEWARLNETVIQVARRSLVGRRILDIYGPLGAGVQTVPYDEFQGVSPGAVDIVGEQETAMVFTDAR
KFKTIPIIYKDFLLHWRDIEAARTHNMPLDVSAAAGAAALCAQQEDELIFYGDARLGYEGLMTANGRLTVPLGDWTSPGG
GFQAIVEATRKLNEQGHFGPYAVVLSPRLYSQLHRGGEIETIRQLASDGVYQSNRLRGESGVVVSTGRENMDLAVSMDMV
AAYLGASRMNHPFRVLEALLLRIKHPDAICTLEGAGATERR
;
A,B,C,D
2 'polypeptide(L)' PEKRLTVGSLRR E,F,G,H
#
# COMPACT_ATOMS: atom_id res chain seq x y z
N PRO A 2 19.53 14.84 31.03
CA PRO A 2 20.61 14.00 30.52
C PRO A 2 20.31 13.41 29.14
N ASP A 3 19.07 12.94 28.95
CA ASP A 3 18.64 12.47 27.65
C ASP A 3 18.45 13.61 26.65
N PHE A 4 18.21 14.84 27.14
CA PHE A 4 18.21 15.98 26.24
C PHE A 4 19.55 16.18 25.56
N LEU A 5 20.64 15.88 26.27
CA LEU A 5 21.96 16.36 25.86
C LEU A 5 22.69 15.34 24.98
N GLY A 6 22.73 14.08 25.40
CA GLY A 6 23.35 13.06 24.58
C GLY A 6 22.50 12.62 23.42
N HIS A 7 23.15 11.91 22.49
CA HIS A 7 22.50 11.34 21.32
C HIS A 7 22.29 9.85 21.54
N ALA A 8 21.08 9.38 21.25
CA ALA A 8 20.74 7.98 21.48
C ALA A 8 19.66 7.55 20.51
N GLU A 9 19.59 6.24 20.29
CA GLU A 9 18.57 5.64 19.46
C GLU A 9 17.24 5.59 20.21
N ASN A 10 16.18 5.17 19.48
CA ASN A 10 14.84 4.79 19.94
C ASN A 10 14.37 5.56 21.18
N PRO A 11 14.14 6.88 21.01
CA PRO A 11 13.74 7.67 22.17
C PRO A 11 12.75 6.92 23.02
N LEU A 12 11.56 6.67 22.47
CA LEU A 12 10.55 6.00 23.25
C LEU A 12 11.05 4.67 23.75
N ARG A 13 10.74 4.35 25.00
CA ARG A 13 11.14 3.07 25.55
C ARG A 13 10.15 1.99 25.21
N GLU A 14 10.17 0.89 25.95
CA GLU A 14 9.29 -0.22 25.64
C GLU A 14 7.82 0.11 25.67
N GLU A 15 7.22 0.11 26.85
CA GLU A 15 5.81 0.39 26.99
C GLU A 15 5.32 1.36 25.93
N GLU A 16 6.10 2.42 25.65
CA GLU A 16 5.65 3.41 24.68
C GLU A 16 5.70 2.86 23.26
N TRP A 17 6.71 2.07 22.93
CA TRP A 17 6.75 1.41 21.62
C TRP A 17 5.56 0.47 21.46
N ALA A 18 5.24 -0.30 22.50
CA ALA A 18 4.07 -1.17 22.44
C ALA A 18 2.80 -0.37 22.26
N ARG A 19 2.67 0.75 22.98
CA ARG A 19 1.51 1.61 22.83
C ARG A 19 1.36 2.09 21.39
N LEU A 20 2.46 2.58 20.81
CA LEU A 20 2.41 3.07 19.43
C LEU A 20 2.00 1.96 18.48
N ASN A 21 2.60 0.77 18.63
CA ASN A 21 2.32 -0.32 17.71
C ASN A 21 0.87 -0.77 17.82
N GLU A 22 0.37 -0.94 19.05
CA GLU A 22 -1.02 -1.33 19.22
C GLU A 22 -1.97 -0.28 18.68
N THR A 23 -1.65 1.00 18.89
CA THR A 23 -2.51 2.07 18.37
C THR A 23 -2.57 2.03 16.85
N VAL A 24 -1.42 1.92 16.20
CA VAL A 24 -1.41 1.94 14.73
C VAL A 24 -2.12 0.72 14.17
N ILE A 25 -1.88 -0.46 14.75
CA ILE A 25 -2.51 -1.66 14.20
C ILE A 25 -4.02 -1.64 14.45
N GLN A 26 -4.45 -1.09 15.60
CA GLN A 26 -5.88 -0.98 15.84
C GLN A 26 -6.51 -0.02 14.84
N VAL A 27 -5.86 1.11 14.59
CA VAL A 27 -6.42 2.08 13.66
C VAL A 27 -6.54 1.45 12.28
N ALA A 28 -5.44 0.87 11.80
CA ALA A 28 -5.44 0.21 10.49
C ALA A 28 -6.60 -0.76 10.37
N ARG A 29 -6.67 -1.74 11.28
CA ARG A 29 -7.70 -2.77 11.17
C ARG A 29 -9.10 -2.17 11.22
N ARG A 30 -9.33 -1.24 12.15
CA ARG A 30 -10.62 -0.60 12.33
C ARG A 30 -10.97 0.37 11.22
N SER A 31 -10.05 0.66 10.29
CA SER A 31 -10.33 1.58 9.19
C SER A 31 -10.29 0.93 7.81
N LEU A 32 -9.51 -0.12 7.60
CA LEU A 32 -9.34 -0.66 6.26
C LEU A 32 -10.62 -1.36 5.79
N VAL A 33 -11.07 -0.99 4.59
CA VAL A 33 -12.20 -1.64 3.94
C VAL A 33 -11.74 -2.35 2.67
N GLY A 34 -10.75 -1.78 1.98
CA GLY A 34 -10.31 -2.36 0.72
C GLY A 34 -9.71 -3.74 0.89
N ARG A 35 -9.01 -3.96 2.00
CA ARG A 35 -8.41 -5.26 2.28
C ARG A 35 -9.45 -6.33 2.57
N ARG A 36 -10.72 -5.94 2.79
CA ARG A 36 -11.75 -6.90 3.16
C ARG A 36 -12.10 -7.82 1.99
N ILE A 37 -11.95 -7.35 0.76
CA ILE A 37 -12.34 -8.10 -0.42
C ILE A 37 -11.11 -8.50 -1.25
N LEU A 38 -9.92 -8.45 -0.67
CA LEU A 38 -8.70 -8.77 -1.40
C LEU A 38 -7.84 -9.75 -0.61
N ASP A 39 -7.27 -10.72 -1.32
CA ASP A 39 -6.34 -11.68 -0.74
C ASP A 39 -4.92 -11.18 -0.99
N ILE A 40 -4.16 -10.99 0.07
CA ILE A 40 -2.86 -10.34 -0.04
C ILE A 40 -1.79 -11.35 -0.45
N TYR A 41 -0.93 -10.95 -1.37
CA TYR A 41 0.27 -11.71 -1.66
C TYR A 41 1.16 -11.74 -0.42
N GLY A 42 1.83 -12.87 -0.19
CA GLY A 42 2.68 -13.05 0.97
C GLY A 42 3.62 -11.89 1.18
N PRO A 43 3.89 -11.58 2.45
CA PRO A 43 4.77 -10.44 2.78
C PRO A 43 6.15 -10.57 2.15
N LEU A 44 6.49 -9.61 1.28
CA LEU A 44 7.74 -9.66 0.53
C LEU A 44 8.95 -9.30 1.38
N GLY A 45 8.78 -8.42 2.37
CA GLY A 45 9.86 -8.03 3.26
C GLY A 45 10.50 -6.69 2.97
N ALA A 46 9.98 -5.95 1.98
CA ALA A 46 10.44 -4.61 1.61
C ALA A 46 11.78 -4.62 0.90
N GLY A 47 12.44 -5.78 0.86
CA GLY A 47 13.59 -5.93 -0.02
C GLY A 47 13.20 -5.93 -1.48
N VAL A 48 12.11 -6.64 -1.80
CA VAL A 48 11.58 -6.66 -3.16
C VAL A 48 10.89 -5.35 -3.47
N GLN A 49 11.11 -4.83 -4.68
CA GLN A 49 10.52 -3.57 -5.09
C GLN A 49 9.71 -3.66 -6.37
N THR A 50 9.71 -4.79 -7.06
CA THR A 50 8.87 -5.00 -8.23
C THR A 50 8.24 -6.38 -8.15
N VAL A 51 7.07 -6.52 -8.76
CA VAL A 51 6.39 -7.81 -8.80
C VAL A 51 5.90 -8.08 -10.23
N PRO A 52 5.81 -9.35 -10.64
CA PRO A 52 5.29 -9.65 -11.98
C PRO A 52 3.84 -9.19 -12.12
N TYR A 53 3.60 -8.30 -13.08
CA TYR A 53 2.27 -7.76 -13.32
C TYR A 53 1.58 -8.59 -14.41
N ASP A 54 1.24 -9.82 -14.04
CA ASP A 54 0.61 -10.74 -14.98
C ASP A 54 -0.73 -10.21 -15.44
N GLU A 55 -0.99 -10.35 -16.75
CA GLU A 55 -2.24 -9.90 -17.36
C GLU A 55 -2.78 -11.04 -18.22
N PHE A 56 -3.59 -11.92 -17.60
CA PHE A 56 -4.18 -13.05 -18.29
C PHE A 56 -5.45 -12.62 -18.99
N GLN A 57 -5.27 -11.98 -20.15
CA GLN A 57 -6.39 -11.49 -20.94
C GLN A 57 -6.35 -12.15 -22.32
N GLY A 58 -7.54 -12.33 -22.90
CA GLY A 58 -7.64 -13.01 -24.18
C GLY A 58 -7.22 -14.46 -24.15
N VAL A 59 -7.64 -15.20 -23.12
CA VAL A 59 -7.20 -16.58 -22.96
C VAL A 59 -7.85 -17.47 -24.01
N SER A 60 -7.22 -18.61 -24.27
CA SER A 60 -7.60 -19.48 -25.37
C SER A 60 -8.14 -20.79 -24.84
N PRO A 61 -9.28 -21.26 -25.35
CA PRO A 61 -9.77 -22.60 -24.96
C PRO A 61 -9.26 -23.70 -25.87
N GLY A 62 -9.73 -24.93 -25.66
CA GLY A 62 -9.39 -26.02 -26.54
C GLY A 62 -8.97 -27.29 -25.83
N ALA A 63 -8.16 -28.11 -26.49
CA ALA A 63 -7.53 -29.29 -25.90
C ALA A 63 -8.59 -30.31 -25.43
N VAL A 64 -9.29 -30.86 -26.42
CA VAL A 64 -10.33 -31.86 -26.17
C VAL A 64 -9.93 -33.22 -26.75
N ASP A 65 -8.71 -33.35 -27.25
CA ASP A 65 -8.32 -34.54 -28.02
C ASP A 65 -8.22 -35.76 -27.11
N ILE A 66 -8.17 -36.93 -27.73
CA ILE A 66 -8.08 -38.18 -26.98
C ILE A 66 -6.64 -38.64 -26.70
N VAL A 67 -5.67 -38.26 -27.52
CA VAL A 67 -4.31 -38.76 -27.33
C VAL A 67 -3.30 -37.63 -27.12
N GLY A 68 -3.76 -36.45 -26.70
CA GLY A 68 -2.85 -35.36 -26.40
C GLY A 68 -2.38 -34.55 -27.59
N GLU A 69 -2.88 -34.83 -28.79
CA GLU A 69 -2.57 -34.06 -29.98
C GLU A 69 -3.28 -32.70 -29.93
N GLN A 70 -3.22 -32.00 -31.07
CA GLN A 70 -3.86 -30.70 -31.31
C GLN A 70 -3.03 -29.58 -30.70
N GLU A 71 -2.59 -29.74 -29.46
CA GLU A 71 -1.73 -28.79 -28.75
C GLU A 71 -2.55 -27.65 -28.17
N THR A 72 -1.89 -26.72 -27.50
CA THR A 72 -2.53 -25.60 -26.84
C THR A 72 -1.71 -24.35 -27.09
N ALA A 73 -2.31 -23.19 -26.81
CA ALA A 73 -1.57 -21.93 -26.87
C ALA A 73 -0.76 -21.69 -25.60
N MET A 74 -1.11 -22.37 -24.52
CA MET A 74 -0.46 -22.31 -23.21
C MET A 74 -1.02 -21.12 -22.46
N VAL A 75 -0.60 -20.92 -21.21
CA VAL A 75 -1.00 -19.74 -20.46
C VAL A 75 0.26 -18.99 -20.02
N PHE A 76 0.33 -17.71 -20.35
CA PHE A 76 1.38 -16.82 -19.91
C PHE A 76 0.83 -15.40 -19.96
N THR A 77 1.47 -14.49 -19.23
CA THR A 77 1.08 -13.10 -19.32
C THR A 77 1.35 -12.58 -20.74
N ASP A 78 0.42 -11.79 -21.26
CA ASP A 78 0.59 -11.20 -22.58
C ASP A 78 1.95 -10.53 -22.73
N ALA A 79 2.40 -9.84 -21.68
CA ALA A 79 3.71 -9.20 -21.68
C ALA A 79 4.13 -8.97 -20.24
N ARG A 80 5.32 -9.46 -19.87
CA ARG A 80 5.84 -9.20 -18.54
C ARG A 80 6.17 -7.73 -18.39
N LYS A 81 5.68 -7.12 -17.31
CA LYS A 81 5.88 -5.70 -17.05
C LYS A 81 6.74 -5.41 -15.83
N PHE A 82 6.55 -6.14 -14.73
CA PHE A 82 7.29 -5.94 -13.49
C PHE A 82 7.13 -4.50 -13.00
N LYS A 83 5.89 -4.16 -12.67
CA LYS A 83 5.62 -2.85 -12.07
C LYS A 83 6.17 -2.79 -10.65
N THR A 84 6.55 -1.59 -10.24
CA THR A 84 7.20 -1.38 -8.96
C THR A 84 6.18 -1.10 -7.86
N ILE A 85 6.57 -1.39 -6.63
CA ILE A 85 5.70 -1.24 -5.47
C ILE A 85 5.89 0.16 -4.91
N PRO A 86 4.84 0.97 -4.82
CA PRO A 86 4.96 2.32 -4.25
C PRO A 86 5.09 2.24 -2.74
N ILE A 87 5.27 3.40 -2.12
CA ILE A 87 5.36 3.53 -0.68
C ILE A 87 4.31 4.52 -0.22
N ILE A 88 3.55 4.15 0.81
CA ILE A 88 2.53 5.00 1.41
C ILE A 88 2.98 5.37 2.80
N TYR A 89 3.20 6.66 3.05
CA TYR A 89 3.79 7.06 4.32
C TYR A 89 3.18 8.38 4.78
N LYS A 90 3.28 8.60 6.09
CA LYS A 90 2.88 9.87 6.68
C LYS A 90 3.82 10.21 7.82
N ASP A 91 4.31 11.45 7.82
CA ASP A 91 5.26 11.92 8.82
C ASP A 91 4.51 12.70 9.90
N PHE A 92 4.79 12.38 11.17
CA PHE A 92 4.29 13.16 12.29
C PHE A 92 5.47 13.48 13.20
N LEU A 93 5.31 14.53 14.02
CA LEU A 93 6.38 15.04 14.84
C LEU A 93 6.02 14.94 16.32
N LEU A 94 7.06 14.88 17.16
CA LEU A 94 6.87 14.70 18.60
C LEU A 94 7.84 15.60 19.34
N HIS A 95 7.31 16.44 20.23
CA HIS A 95 8.15 17.30 21.05
C HIS A 95 8.89 16.49 22.10
N TRP A 96 10.10 16.95 22.44
CA TRP A 96 10.89 16.29 23.48
C TRP A 96 10.40 16.59 24.88
N ARG A 97 9.89 17.80 25.12
CA ARG A 97 9.36 18.13 26.44
C ARG A 97 8.14 17.28 26.77
N ASP A 98 7.30 16.99 25.77
CA ASP A 98 6.16 16.11 26.00
C ASP A 98 6.62 14.70 26.38
N ILE A 99 7.63 14.17 25.66
CA ILE A 99 8.13 12.84 25.97
C ILE A 99 8.70 12.80 27.40
N GLU A 100 9.48 13.81 27.77
CA GLU A 100 10.07 13.77 29.11
C GLU A 100 9.03 14.03 30.20
N ALA A 101 7.98 14.80 29.88
CA ALA A 101 6.88 14.95 30.83
C ALA A 101 6.18 13.62 31.05
N ALA A 102 5.96 12.85 29.97
CA ALA A 102 5.42 11.51 30.12
C ALA A 102 6.37 10.63 30.94
N ARG A 103 7.67 10.78 30.72
CA ARG A 103 8.65 9.98 31.46
C ARG A 103 8.59 10.27 32.95
N THR A 104 8.51 11.54 33.33
CA THR A 104 8.63 11.93 34.73
C THR A 104 7.30 11.85 35.47
N HIS A 105 6.26 12.49 34.94
CA HIS A 105 4.97 12.57 35.62
C HIS A 105 4.19 11.26 35.55
N ASN A 106 4.66 10.29 34.76
CA ASN A 106 3.95 9.04 34.53
C ASN A 106 2.56 9.27 33.93
N MET A 107 2.48 10.22 32.98
CA MET A 107 1.23 10.29 32.27
C MET A 107 1.34 9.51 30.95
N PRO A 108 0.23 8.99 30.42
CA PRO A 108 0.28 8.33 29.12
C PRO A 108 0.74 9.30 28.04
N LEU A 109 1.55 8.80 27.12
CA LEU A 109 2.03 9.64 26.03
C LEU A 109 0.91 9.89 25.03
N ASP A 110 0.92 11.10 24.45
CA ASP A 110 -0.08 11.48 23.47
C ASP A 110 0.24 10.81 22.14
N VAL A 111 -0.63 9.92 21.70
CA VAL A 111 -0.44 9.20 20.44
C VAL A 111 -1.47 9.63 19.40
N SER A 112 -2.08 10.82 19.60
CA SER A 112 -3.10 11.29 18.67
C SER A 112 -2.50 11.54 17.29
N ALA A 113 -1.31 12.12 17.23
CA ALA A 113 -0.66 12.36 15.94
C ALA A 113 -0.36 11.05 15.22
N ALA A 114 0.12 10.04 15.96
CA ALA A 114 0.38 8.74 15.34
C ALA A 114 -0.91 8.09 14.85
N ALA A 115 -1.98 8.16 15.64
CA ALA A 115 -3.25 7.59 15.22
C ALA A 115 -3.78 8.29 13.97
N GLY A 116 -3.70 9.61 13.92
CA GLY A 116 -4.14 10.32 12.74
C GLY A 116 -3.30 10.00 11.52
N ALA A 117 -1.98 9.89 11.69
CA ALA A 117 -1.12 9.51 10.59
C ALA A 117 -1.45 8.12 10.07
N ALA A 118 -1.71 7.18 10.99
CA ALA A 118 -2.08 5.83 10.58
C ALA A 118 -3.40 5.83 9.82
N ALA A 119 -4.39 6.56 10.31
CA ALA A 119 -5.68 6.62 9.65
C ALA A 119 -5.55 7.23 8.26
N LEU A 120 -4.75 8.29 8.14
CA LEU A 120 -4.59 8.95 6.84
C LEU A 120 -3.81 8.06 5.87
N CYS A 121 -2.82 7.31 6.36
CA CYS A 121 -2.10 6.38 5.52
C CYS A 121 -3.01 5.27 5.02
N ALA A 122 -3.87 4.75 5.90
CA ALA A 122 -4.82 3.72 5.49
C ALA A 122 -5.82 4.28 4.48
N GLN A 123 -6.25 5.53 4.67
CA GLN A 123 -7.15 6.16 3.71
C GLN A 123 -6.47 6.30 2.35
N GLN A 124 -5.19 6.65 2.33
CA GLN A 124 -4.44 6.72 1.08
C GLN A 124 -4.31 5.34 0.44
N GLU A 125 -4.13 4.31 1.28
CA GLU A 125 -4.09 2.95 0.75
C GLU A 125 -5.40 2.59 0.05
N ASP A 126 -6.52 2.93 0.68
CA ASP A 126 -7.82 2.69 0.05
C ASP A 126 -7.95 3.49 -1.25
N GLU A 127 -7.45 4.73 -1.25
CA GLU A 127 -7.46 5.54 -2.46
C GLU A 127 -6.72 4.83 -3.59
N LEU A 128 -5.52 4.33 -3.29
CA LEU A 128 -4.71 3.66 -4.30
C LEU A 128 -5.39 2.39 -4.78
N ILE A 129 -6.01 1.64 -3.86
CA ILE A 129 -6.65 0.38 -4.23
C ILE A 129 -7.83 0.62 -5.15
N PHE A 130 -8.70 1.57 -4.79
CA PHE A 130 -9.93 1.78 -5.54
C PHE A 130 -9.76 2.75 -6.71
N TYR A 131 -8.61 3.40 -6.85
CA TYR A 131 -8.40 4.35 -7.94
C TYR A 131 -6.91 4.40 -8.27
N GLY A 132 -6.61 4.47 -9.57
CA GLY A 132 -5.27 4.78 -9.97
C GLY A 132 -4.92 6.25 -9.74
N ASP A 133 -3.62 6.53 -9.73
CA ASP A 133 -3.14 7.89 -9.53
C ASP A 133 -2.77 8.60 -10.82
N ALA A 134 -2.51 7.87 -11.90
CA ALA A 134 -2.18 8.36 -13.23
C ALA A 134 -0.84 9.10 -13.26
N ARG A 135 -0.16 9.24 -12.13
CA ARG A 135 1.16 9.86 -12.09
C ARG A 135 2.29 8.85 -11.97
N LEU A 136 2.04 7.73 -11.31
CA LEU A 136 3.03 6.65 -11.19
C LEU A 136 2.71 5.47 -12.09
N GLY A 137 1.74 5.62 -13.00
CA GLY A 137 1.38 4.55 -13.91
C GLY A 137 0.67 3.40 -13.25
N TYR A 138 0.05 3.61 -12.09
CA TYR A 138 -0.65 2.57 -11.38
C TYR A 138 -2.12 2.53 -11.79
N GLU A 139 -2.77 1.42 -11.48
CA GLU A 139 -4.15 1.20 -11.89
C GLU A 139 -4.99 0.72 -10.72
N GLY A 140 -6.21 1.26 -10.64
CA GLY A 140 -7.16 0.87 -9.62
C GLY A 140 -8.34 0.10 -10.21
N LEU A 141 -9.24 -0.31 -9.31
CA LEU A 141 -10.38 -1.11 -9.72
C LEU A 141 -11.34 -0.30 -10.58
N MET A 142 -11.60 0.95 -10.22
CA MET A 142 -12.64 1.73 -10.86
C MET A 142 -12.18 2.44 -12.12
N THR A 143 -10.89 2.39 -12.46
CA THR A 143 -10.39 3.03 -13.66
C THR A 143 -9.74 2.06 -14.63
N ALA A 144 -9.80 0.76 -14.36
CA ALA A 144 -9.13 -0.23 -15.19
C ALA A 144 -9.76 -0.28 -16.58
N ASN A 145 -9.03 -0.88 -17.52
CA ASN A 145 -9.51 -1.08 -18.87
C ASN A 145 -10.24 -2.42 -18.96
N GLY A 146 -11.45 -2.40 -19.51
CA GLY A 146 -12.25 -3.61 -19.52
C GLY A 146 -12.97 -3.84 -18.22
N ARG A 147 -13.61 -2.79 -17.69
CA ARG A 147 -14.22 -2.85 -16.37
C ARG A 147 -15.61 -3.44 -16.37
N LEU A 148 -16.14 -3.83 -17.53
CA LEU A 148 -17.46 -4.45 -17.62
C LEU A 148 -18.51 -3.58 -16.94
N THR A 149 -18.72 -2.40 -17.50
CA THR A 149 -19.67 -1.48 -16.88
C THR A 149 -21.09 -1.97 -17.09
N VAL A 150 -21.93 -1.78 -16.07
CA VAL A 150 -23.35 -2.10 -16.14
C VAL A 150 -24.14 -0.85 -15.80
N PRO A 151 -25.10 -0.44 -16.62
CA PRO A 151 -25.86 0.78 -16.34
C PRO A 151 -26.68 0.62 -15.05
N LEU A 152 -26.75 1.68 -14.26
CA LEU A 152 -27.40 1.56 -12.95
C LEU A 152 -28.55 2.54 -12.81
N GLY A 153 -29.45 2.54 -13.79
CA GLY A 153 -30.63 3.38 -13.71
C GLY A 153 -31.60 2.89 -12.65
N ASP A 154 -32.38 3.83 -12.11
CA ASP A 154 -33.44 3.53 -11.16
C ASP A 154 -32.91 2.82 -9.91
N TRP A 155 -31.73 3.24 -9.45
CA TRP A 155 -31.19 2.69 -8.21
C TRP A 155 -32.11 3.00 -7.03
N THR A 156 -32.70 4.20 -7.01
CA THR A 156 -33.55 4.58 -5.89
C THR A 156 -34.74 3.64 -5.76
N SER A 157 -35.32 3.26 -6.89
CA SER A 157 -36.49 2.40 -6.86
C SER A 157 -36.12 1.05 -6.25
N PRO A 158 -37.00 0.42 -5.48
CA PRO A 158 -36.59 -0.81 -4.77
C PRO A 158 -36.18 -1.93 -5.70
N GLY A 159 -36.89 -2.12 -6.81
CA GLY A 159 -36.51 -3.16 -7.76
C GLY A 159 -35.15 -2.96 -8.38
N GLY A 160 -34.80 -1.69 -8.69
CA GLY A 160 -33.60 -1.43 -9.46
C GLY A 160 -32.32 -1.89 -8.80
N GLY A 161 -32.18 -1.72 -7.49
CA GLY A 161 -30.89 -2.04 -6.90
C GLY A 161 -30.56 -3.52 -7.05
N PHE A 162 -31.56 -4.38 -6.80
CA PHE A 162 -31.37 -5.80 -7.04
C PHE A 162 -31.13 -6.07 -8.52
N GLN A 163 -31.88 -5.37 -9.38
CA GLN A 163 -31.72 -5.63 -10.81
C GLN A 163 -30.26 -5.37 -11.14
N ALA A 164 -29.85 -4.10 -11.07
CA ALA A 164 -28.47 -3.72 -11.38
C ALA A 164 -27.45 -4.72 -10.84
N ILE A 165 -27.62 -5.19 -9.60
CA ILE A 165 -26.68 -6.17 -9.08
C ILE A 165 -26.76 -7.49 -9.86
N VAL A 166 -27.97 -7.96 -10.18
CA VAL A 166 -28.11 -9.23 -10.88
C VAL A 166 -27.49 -9.11 -12.26
N GLU A 167 -27.73 -7.97 -12.91
CA GLU A 167 -27.19 -7.74 -14.25
C GLU A 167 -25.67 -7.75 -14.20
N ALA A 168 -25.10 -7.13 -13.17
CA ALA A 168 -23.64 -7.10 -13.06
C ALA A 168 -23.12 -8.51 -12.92
N THR A 169 -23.80 -9.33 -12.12
CA THR A 169 -23.43 -10.73 -11.99
C THR A 169 -23.50 -11.43 -13.34
N ARG A 170 -24.62 -11.23 -14.05
CA ARG A 170 -24.80 -11.80 -15.38
C ARG A 170 -23.62 -11.47 -16.30
N LYS A 171 -23.18 -10.21 -16.28
CA LYS A 171 -22.05 -9.81 -17.12
C LYS A 171 -20.79 -10.55 -16.71
N LEU A 172 -20.57 -10.68 -15.40
CA LEU A 172 -19.39 -11.41 -14.94
C LEU A 172 -19.44 -12.84 -15.43
N ASN A 173 -20.61 -13.47 -15.33
CA ASN A 173 -20.74 -14.87 -15.77
C ASN A 173 -20.47 -14.98 -17.26
N GLU A 174 -21.17 -14.18 -18.07
CA GLU A 174 -20.99 -14.21 -19.52
C GLU A 174 -19.51 -14.15 -19.88
N GLN A 175 -18.79 -13.21 -19.26
CA GLN A 175 -17.39 -13.01 -19.61
C GLN A 175 -16.55 -14.22 -19.19
N GLY A 176 -16.91 -14.85 -18.09
CA GLY A 176 -16.15 -15.96 -17.58
C GLY A 176 -16.32 -16.20 -16.09
N HIS A 177 -16.02 -15.20 -15.27
CA HIS A 177 -15.99 -15.43 -13.84
C HIS A 177 -17.35 -15.79 -13.28
N PHE A 178 -17.37 -16.88 -12.53
CA PHE A 178 -18.50 -17.44 -11.81
C PHE A 178 -18.35 -17.35 -10.30
N GLY A 179 -17.36 -16.63 -9.82
CA GLY A 179 -16.98 -16.67 -8.43
C GLY A 179 -17.96 -16.05 -7.47
N PRO A 180 -17.90 -16.46 -6.20
CA PRO A 180 -18.72 -15.78 -5.19
C PRO A 180 -18.27 -14.34 -5.18
N TYR A 181 -19.22 -13.41 -5.07
CA TYR A 181 -18.86 -12.02 -5.28
C TYR A 181 -18.84 -11.24 -3.98
N ALA A 182 -18.18 -10.08 -4.06
CA ALA A 182 -18.15 -9.09 -3.00
C ALA A 182 -18.43 -7.73 -3.61
N VAL A 183 -19.35 -6.99 -3.01
CA VAL A 183 -19.77 -5.71 -3.54
C VAL A 183 -19.17 -4.62 -2.66
N VAL A 184 -18.96 -3.45 -3.25
CA VAL A 184 -18.48 -2.28 -2.55
C VAL A 184 -19.25 -1.08 -3.07
N LEU A 185 -19.86 -0.32 -2.17
CA LEU A 185 -20.81 0.71 -2.57
C LEU A 185 -20.47 2.06 -1.93
N SER A 186 -20.83 3.12 -2.64
CA SER A 186 -20.72 4.46 -2.12
C SER A 186 -21.73 4.66 -0.99
N PRO A 187 -21.43 5.50 -0.01
CA PRO A 187 -22.34 5.65 1.13
C PRO A 187 -23.74 6.08 0.75
N ARG A 188 -23.90 6.72 -0.42
CA ARG A 188 -25.24 7.10 -0.88
C ARG A 188 -26.03 5.85 -1.24
N LEU A 189 -25.52 5.07 -2.19
CA LEU A 189 -26.20 3.85 -2.62
C LEU A 189 -26.33 2.88 -1.46
N TYR A 190 -25.22 2.66 -0.75
CA TYR A 190 -25.19 1.65 0.29
C TYR A 190 -26.20 2.00 1.38
N SER A 191 -26.28 3.28 1.74
CA SER A 191 -27.29 3.73 2.69
C SER A 191 -28.70 3.55 2.13
N GLN A 192 -28.92 3.88 0.84
CA GLN A 192 -30.27 3.82 0.28
C GLN A 192 -30.84 2.41 0.27
N LEU A 193 -30.04 1.40 -0.07
CA LEU A 193 -30.61 0.05 -0.19
C LEU A 193 -31.12 -0.53 1.12
N HIS A 194 -30.66 -0.05 2.27
CA HIS A 194 -31.10 -0.65 3.53
C HIS A 194 -32.57 -0.35 3.79
N ARG A 195 -33.03 0.86 3.47
CA ARG A 195 -34.42 1.23 3.73
C ARG A 195 -35.36 0.32 2.94
N GLY A 196 -35.00 0.05 1.68
CA GLY A 196 -35.83 -0.81 0.86
C GLY A 196 -35.94 -2.22 1.40
N GLY A 197 -34.84 -2.75 1.94
CA GLY A 197 -34.76 -4.15 2.35
C GLY A 197 -33.91 -4.97 1.41
N GLU A 198 -33.48 -4.38 0.30
CA GLU A 198 -32.66 -5.05 -0.70
C GLU A 198 -31.35 -5.60 -0.14
N ILE A 199 -30.82 -4.99 0.93
CA ILE A 199 -29.50 -5.41 1.40
C ILE A 199 -29.44 -6.90 1.72
N GLU A 200 -30.54 -7.50 2.17
CA GLU A 200 -30.52 -8.93 2.42
C GLU A 200 -30.39 -9.70 1.11
N THR A 201 -31.12 -9.28 0.08
CA THR A 201 -30.99 -9.90 -1.23
C THR A 201 -29.55 -9.81 -1.72
N ILE A 202 -28.96 -8.61 -1.67
CA ILE A 202 -27.61 -8.45 -2.19
C ILE A 202 -26.65 -9.32 -1.38
N ARG A 203 -26.84 -9.40 -0.06
CA ARG A 203 -25.96 -10.23 0.75
C ARG A 203 -26.06 -11.69 0.33
N GLN A 204 -27.27 -12.15 0.02
CA GLN A 204 -27.43 -13.56 -0.33
C GLN A 204 -26.83 -13.85 -1.68
N LEU A 205 -26.98 -12.90 -2.62
CA LEU A 205 -26.40 -13.10 -3.95
C LEU A 205 -24.88 -13.09 -3.89
N ALA A 206 -24.30 -12.21 -3.07
CA ALA A 206 -22.85 -12.06 -2.99
C ALA A 206 -22.24 -13.21 -2.22
N SER A 207 -22.83 -13.57 -1.07
CA SER A 207 -22.34 -14.64 -0.20
C SER A 207 -20.96 -14.36 0.38
N ASP A 208 -20.39 -13.18 0.13
CA ASP A 208 -19.12 -12.84 0.75
C ASP A 208 -19.04 -11.40 1.24
N GLY A 209 -20.11 -10.62 1.13
CA GLY A 209 -20.10 -9.32 1.77
C GLY A 209 -20.42 -8.13 0.89
N VAL A 210 -21.32 -7.28 1.37
CA VAL A 210 -21.60 -5.98 0.77
C VAL A 210 -21.02 -4.94 1.72
N TYR A 211 -20.08 -4.15 1.23
CA TYR A 211 -19.30 -3.25 2.05
C TYR A 211 -19.43 -1.81 1.58
N GLN A 212 -19.05 -0.89 2.45
CA GLN A 212 -19.17 0.54 2.21
C GLN A 212 -17.78 1.15 2.21
N SER A 213 -17.47 1.93 1.17
CA SER A 213 -16.19 2.61 1.03
C SER A 213 -16.43 4.08 0.71
N ASN A 214 -15.92 4.96 1.57
CA ASN A 214 -16.18 6.39 1.42
C ASN A 214 -15.34 7.04 0.32
N ARG A 215 -14.45 6.27 -0.32
CA ARG A 215 -13.55 6.78 -1.34
C ARG A 215 -14.19 6.84 -2.73
N LEU A 216 -15.43 6.39 -2.86
CA LEU A 216 -16.10 6.31 -4.15
C LEU A 216 -16.80 7.63 -4.47
N ARG A 217 -17.35 7.69 -5.68
CA ARG A 217 -17.99 8.92 -6.16
C ARG A 217 -19.41 9.02 -5.59
N GLY A 218 -20.17 9.99 -6.09
CA GLY A 218 -21.52 10.20 -5.56
C GLY A 218 -22.42 9.00 -5.76
N GLU A 219 -22.41 8.42 -6.95
CA GLU A 219 -23.26 7.27 -7.27
C GLU A 219 -22.40 6.28 -8.05
N SER A 220 -21.77 5.36 -7.33
CA SER A 220 -20.92 4.37 -7.97
C SER A 220 -20.72 3.18 -7.05
N GLY A 221 -20.31 2.06 -7.62
CA GLY A 221 -20.04 0.85 -6.87
C GLY A 221 -19.36 -0.16 -7.76
N VAL A 222 -18.79 -1.18 -7.12
CA VAL A 222 -18.07 -2.24 -7.81
C VAL A 222 -18.52 -3.59 -7.30
N VAL A 223 -18.67 -4.54 -8.23
CA VAL A 223 -18.93 -5.93 -7.92
C VAL A 223 -17.73 -6.74 -8.42
N VAL A 224 -17.14 -7.53 -7.53
CA VAL A 224 -15.88 -8.20 -7.84
C VAL A 224 -15.98 -9.65 -7.42
N SER A 225 -15.09 -10.48 -7.96
CA SER A 225 -14.94 -11.86 -7.54
C SER A 225 -13.77 -11.94 -6.57
N THR A 226 -14.03 -12.42 -5.35
CA THR A 226 -13.03 -12.33 -4.30
C THR A 226 -11.84 -13.27 -4.53
N GLY A 227 -12.05 -14.36 -5.25
CA GLY A 227 -11.04 -15.38 -5.45
C GLY A 227 -9.65 -14.92 -5.83
N ARG A 228 -8.65 -15.66 -5.38
CA ARG A 228 -7.27 -15.40 -5.80
C ARG A 228 -7.12 -15.82 -7.26
N GLU A 229 -6.16 -15.20 -7.96
CA GLU A 229 -5.90 -15.32 -9.39
C GLU A 229 -6.81 -14.35 -10.12
N ASN A 230 -7.56 -13.54 -9.40
CA ASN A 230 -8.35 -12.47 -10.01
C ASN A 230 -7.95 -11.10 -9.50
N MET A 231 -7.40 -11.02 -8.29
CA MET A 231 -6.92 -9.79 -7.69
C MET A 231 -5.87 -10.16 -6.67
N ASP A 232 -4.88 -9.28 -6.50
CA ASP A 232 -3.86 -9.56 -5.50
C ASP A 232 -3.34 -8.25 -4.92
N LEU A 233 -3.00 -8.29 -3.64
CA LEU A 233 -2.43 -7.15 -2.92
C LEU A 233 -1.01 -7.55 -2.51
N ALA A 234 -0.03 -7.24 -3.36
CA ALA A 234 1.36 -7.50 -3.02
C ALA A 234 1.79 -6.61 -1.87
N VAL A 235 2.33 -7.22 -0.82
CA VAL A 235 2.70 -6.53 0.41
C VAL A 235 4.20 -6.68 0.60
N SER A 236 4.90 -5.55 0.71
CA SER A 236 6.32 -5.56 1.04
C SER A 236 6.60 -5.30 2.51
N MET A 237 5.82 -4.41 3.13
CA MET A 237 6.00 -4.08 4.55
C MET A 237 4.74 -3.40 5.03
N ASP A 238 4.34 -3.72 6.26
CA ASP A 238 3.02 -3.39 6.77
C ASP A 238 3.02 -2.01 7.44
N MET A 239 1.91 -1.67 8.07
CA MET A 239 1.80 -0.44 8.87
C MET A 239 2.84 -0.47 9.97
N VAL A 240 3.88 0.35 9.84
CA VAL A 240 4.95 0.36 10.83
C VAL A 240 5.29 1.81 11.18
N ALA A 241 5.97 1.99 12.30
CA ALA A 241 6.45 3.30 12.72
C ALA A 241 7.96 3.29 12.72
N ALA A 242 8.56 4.28 12.06
CA ALA A 242 10.00 4.39 11.95
C ALA A 242 10.45 5.76 12.43
N TYR A 243 11.69 5.82 12.89
CA TYR A 243 12.25 7.03 13.49
C TYR A 243 13.09 7.76 12.44
N LEU A 244 12.72 9.00 12.13
CA LEU A 244 13.41 9.78 11.10
C LEU A 244 14.61 10.52 11.68
N GLY A 245 15.47 9.80 12.39
CA GLY A 245 16.57 10.43 13.09
C GLY A 245 16.04 11.36 14.17
N ALA A 246 16.89 12.29 14.58
CA ALA A 246 16.53 13.28 15.58
C ALA A 246 17.05 14.63 15.12
N SER A 247 16.17 15.47 14.59
CA SER A 247 16.54 16.81 14.17
C SER A 247 16.14 17.84 15.21
N ARG A 248 17.03 18.81 15.43
CA ARG A 248 16.79 19.96 16.32
C ARG A 248 16.11 19.57 17.63
N MET A 249 16.46 18.40 18.17
CA MET A 249 16.00 17.88 19.45
C MET A 249 14.54 17.46 19.43
N ASN A 250 13.83 17.64 18.32
CA ASN A 250 12.48 17.11 18.19
C ASN A 250 12.57 15.63 17.82
N HIS A 251 11.44 15.00 17.55
CA HIS A 251 11.42 13.56 17.26
C HIS A 251 10.42 13.22 16.16
N PRO A 252 10.85 13.29 14.90
CA PRO A 252 9.94 12.94 13.80
C PRO A 252 9.83 11.43 13.67
N PHE A 253 8.62 10.96 13.42
CA PHE A 253 8.35 9.57 13.10
C PHE A 253 7.56 9.49 11.80
N ARG A 254 7.54 8.29 11.22
CA ARG A 254 6.85 8.06 9.97
C ARG A 254 6.11 6.75 10.01
N VAL A 255 4.82 6.77 9.64
CA VAL A 255 4.03 5.57 9.50
C VAL A 255 4.12 5.11 8.06
N LEU A 256 4.35 3.81 7.87
CA LEU A 256 4.80 3.25 6.60
C LEU A 256 3.93 2.08 6.18
N GLU A 257 3.72 1.97 4.87
CA GLU A 257 3.07 0.86 4.19
C GLU A 257 3.69 0.70 2.81
N ALA A 258 3.76 -0.54 2.34
CA ALA A 258 4.24 -0.84 0.99
C ALA A 258 3.30 -1.86 0.36
N LEU A 259 2.39 -1.37 -0.48
CA LEU A 259 1.35 -2.19 -1.07
C LEU A 259 1.28 -1.93 -2.57
N LEU A 260 0.80 -2.93 -3.31
CA LEU A 260 0.50 -2.74 -4.72
C LEU A 260 -0.62 -3.68 -5.12
N LEU A 261 -1.70 -3.12 -5.67
CA LEU A 261 -2.83 -3.91 -6.12
C LEU A 261 -2.63 -4.27 -7.58
N ARG A 262 -2.51 -5.56 -7.86
CA ARG A 262 -2.39 -6.07 -9.22
C ARG A 262 -3.64 -6.85 -9.57
N ILE A 263 -4.34 -6.41 -10.61
CA ILE A 263 -5.51 -7.11 -11.12
C ILE A 263 -5.02 -7.96 -12.29
N LYS A 264 -4.76 -9.24 -12.00
CA LYS A 264 -4.23 -10.12 -13.03
C LYS A 264 -5.25 -10.37 -14.15
N HIS A 265 -6.52 -10.55 -13.80
CA HIS A 265 -7.54 -10.84 -14.79
C HIS A 265 -8.56 -9.71 -14.74
N PRO A 266 -8.51 -8.76 -15.68
CA PRO A 266 -9.36 -7.56 -15.59
C PRO A 266 -10.85 -7.81 -15.77
N ASP A 267 -11.27 -9.03 -16.08
CA ASP A 267 -12.68 -9.30 -16.29
C ASP A 267 -13.44 -9.53 -14.98
N ALA A 268 -12.75 -9.61 -13.86
CA ALA A 268 -13.42 -9.94 -12.63
C ALA A 268 -13.95 -8.71 -11.93
N ILE A 269 -14.06 -7.62 -12.66
CA ILE A 269 -14.54 -6.39 -12.08
C ILE A 269 -15.65 -5.83 -12.90
N CYS A 270 -16.68 -5.33 -12.26
CA CYS A 270 -17.76 -4.68 -12.98
C CYS A 270 -18.13 -3.46 -12.20
N THR A 271 -18.23 -2.33 -12.87
CA THR A 271 -18.51 -1.09 -12.17
C THR A 271 -19.93 -0.66 -12.41
N LEU A 272 -20.46 0.19 -11.54
CA LEU A 272 -21.84 0.63 -11.64
C LEU A 272 -21.89 2.11 -11.99
N PRO B 2 14.48 -5.02 9.53
CA PRO B 2 14.32 -4.54 10.91
C PRO B 2 15.28 -3.40 11.25
N ASP B 3 16.42 -3.37 10.56
CA ASP B 3 17.39 -2.29 10.75
C ASP B 3 16.96 -1.00 10.07
N PHE B 4 16.18 -1.10 9.00
CA PHE B 4 15.79 0.10 8.25
C PHE B 4 14.98 1.07 9.11
N LEU B 5 14.10 0.56 9.97
CA LEU B 5 13.19 1.43 10.71
C LEU B 5 13.94 2.42 11.58
N GLY B 6 15.03 1.97 12.22
CA GLY B 6 15.78 2.80 13.15
C GLY B 6 17.09 3.27 12.55
N HIS B 7 17.31 4.58 12.64
CA HIS B 7 18.48 5.20 12.02
C HIS B 7 19.77 4.68 12.66
N ALA B 8 20.80 4.48 11.85
CA ALA B 8 22.06 3.95 12.32
C ALA B 8 23.20 4.78 11.75
N GLU B 9 24.30 4.83 12.52
CA GLU B 9 25.47 5.62 12.11
C GLU B 9 26.10 5.09 10.82
N ASN B 10 26.19 3.77 10.66
CA ASN B 10 26.88 3.17 9.54
C ASN B 10 26.02 2.12 8.86
N PRO B 11 25.02 2.55 8.08
CA PRO B 11 24.10 1.57 7.47
C PRO B 11 24.80 0.55 6.58
N LEU B 12 25.75 1.01 5.78
CA LEU B 12 26.43 0.16 4.80
C LEU B 12 27.50 -0.70 5.46
N ARG B 13 27.73 -1.88 4.91
CA ARG B 13 28.74 -2.78 5.40
C ARG B 13 30.08 -2.49 4.71
N GLU B 14 31.08 -3.30 5.02
CA GLU B 14 32.42 -3.11 4.44
C GLU B 14 32.39 -3.29 2.93
N GLU B 15 31.63 -4.26 2.43
CA GLU B 15 31.55 -4.50 0.99
C GLU B 15 30.98 -3.30 0.24
N GLU B 16 29.91 -2.70 0.77
CA GLU B 16 29.31 -1.56 0.10
C GLU B 16 30.23 -0.34 0.18
N TRP B 17 30.92 -0.17 1.31
CA TRP B 17 31.90 0.91 1.42
C TRP B 17 33.00 0.75 0.39
N ALA B 18 33.51 -0.47 0.23
CA ALA B 18 34.55 -0.73 -0.76
C ALA B 18 34.03 -0.46 -2.17
N ARG B 19 32.80 -0.89 -2.47
CA ARG B 19 32.23 -0.62 -3.79
C ARG B 19 32.14 0.88 -4.04
N LEU B 20 31.70 1.64 -3.04
CA LEU B 20 31.63 3.09 -3.17
C LEU B 20 33.01 3.67 -3.45
N ASN B 21 34.02 3.21 -2.71
CA ASN B 21 35.37 3.75 -2.86
C ASN B 21 35.93 3.45 -4.25
N GLU B 22 35.79 2.21 -4.72
CA GLU B 22 36.28 1.90 -6.06
C GLU B 22 35.54 2.69 -7.13
N THR B 23 34.22 2.86 -6.99
CA THR B 23 33.48 3.61 -8.00
C THR B 23 33.96 5.06 -8.07
N VAL B 24 34.08 5.71 -6.91
CA VAL B 24 34.51 7.09 -6.90
C VAL B 24 35.95 7.21 -7.40
N ILE B 25 36.80 6.22 -7.07
CA ILE B 25 38.19 6.25 -7.52
C ILE B 25 38.26 6.18 -9.04
N GLN B 26 37.52 5.26 -9.64
CA GLN B 26 37.58 5.13 -11.10
C GLN B 26 36.99 6.35 -11.80
N VAL B 27 35.94 6.93 -11.23
CA VAL B 27 35.38 8.15 -11.82
C VAL B 27 36.41 9.27 -11.75
N ALA B 28 37.10 9.41 -10.61
CA ALA B 28 38.10 10.47 -10.52
C ALA B 28 39.23 10.20 -11.48
N ARG B 29 39.63 8.94 -11.61
CA ARG B 29 40.80 8.59 -12.42
C ARG B 29 40.56 8.95 -13.88
N ARG B 30 39.35 8.69 -14.37
CA ARG B 30 39.02 9.01 -15.75
C ARG B 30 38.48 10.42 -15.92
N SER B 31 38.30 11.17 -14.83
CA SER B 31 37.75 12.53 -14.91
C SER B 31 38.73 13.65 -14.64
N LEU B 32 39.74 13.44 -13.80
CA LEU B 32 40.60 14.55 -13.37
C LEU B 32 41.70 14.85 -14.38
N VAL B 33 41.40 15.79 -15.30
CA VAL B 33 42.40 16.26 -16.24
C VAL B 33 43.52 17.00 -15.51
N GLY B 34 43.18 17.80 -14.50
CA GLY B 34 44.16 18.65 -13.84
C GLY B 34 45.27 17.87 -13.15
N ARG B 35 44.91 16.76 -12.50
CA ARG B 35 45.89 15.99 -11.72
C ARG B 35 47.00 15.45 -12.60
N ARG B 36 46.69 15.06 -13.84
CA ARG B 36 47.69 14.43 -14.69
C ARG B 36 48.89 15.34 -14.93
N ILE B 37 48.66 16.64 -15.12
CA ILE B 37 49.78 17.55 -15.24
C ILE B 37 50.36 17.84 -13.86
N LEU B 38 49.63 18.58 -13.02
CA LEU B 38 50.06 18.92 -11.67
C LEU B 38 50.65 17.72 -10.92
N ASP B 39 51.85 17.89 -10.39
CA ASP B 39 52.34 16.99 -9.35
C ASP B 39 51.61 17.28 -8.05
N ILE B 40 51.35 16.23 -7.26
CA ILE B 40 50.60 16.36 -6.01
C ILE B 40 51.57 16.20 -4.84
N TYR B 41 51.54 17.16 -3.92
CA TYR B 41 52.13 16.99 -2.61
C TYR B 41 51.44 15.85 -1.86
N GLY B 42 52.23 15.04 -1.16
CA GLY B 42 51.71 13.96 -0.36
C GLY B 42 50.67 14.40 0.65
N PRO B 43 49.65 13.56 0.85
CA PRO B 43 48.56 13.93 1.77
C PRO B 43 49.06 14.21 3.18
N LEU B 44 48.28 15.01 3.91
CA LEU B 44 48.59 15.40 5.28
C LEU B 44 47.68 14.78 6.32
N GLY B 45 46.41 14.55 5.99
CA GLY B 45 45.43 14.05 6.92
C GLY B 45 44.28 15.01 7.10
N ALA B 46 43.32 14.59 7.93
CA ALA B 46 42.16 15.43 8.22
C ALA B 46 42.49 16.58 9.14
N GLY B 47 43.45 16.39 10.07
CA GLY B 47 43.72 17.43 11.04
C GLY B 47 44.32 18.69 10.46
N VAL B 48 45.26 18.54 9.53
CA VAL B 48 45.95 19.70 8.96
C VAL B 48 44.98 20.48 8.07
N GLN B 49 44.94 21.79 8.27
CA GLN B 49 44.05 22.66 7.51
C GLN B 49 44.78 23.77 6.77
N THR B 50 46.10 23.86 6.88
CA THR B 50 46.85 24.89 6.17
C THR B 50 48.21 24.32 5.78
N VAL B 51 48.80 24.95 4.77
CA VAL B 51 50.13 24.56 4.28
C VAL B 51 50.97 25.81 4.13
N PRO B 52 52.29 25.71 4.22
CA PRO B 52 53.13 26.89 3.95
C PRO B 52 53.18 27.24 2.47
N TYR B 53 52.51 28.33 2.10
CA TYR B 53 52.46 28.79 0.72
C TYR B 53 53.73 29.58 0.42
N ASP B 54 54.59 29.03 -0.42
CA ASP B 54 55.92 29.57 -0.65
C ASP B 54 55.97 30.36 -1.96
N GLU B 55 57.00 31.21 -2.06
CA GLU B 55 57.29 31.99 -3.26
C GLU B 55 58.78 31.91 -3.55
N PHE B 56 59.12 31.84 -4.84
CA PHE B 56 60.51 31.69 -5.29
C PHE B 56 60.81 32.67 -6.41
N GLN B 57 60.44 33.92 -6.24
CA GLN B 57 60.75 34.94 -7.24
C GLN B 57 62.25 35.08 -7.41
N GLY B 58 62.70 35.08 -8.65
CA GLY B 58 64.13 35.14 -8.91
C GLY B 58 64.77 33.76 -8.94
N VAL B 59 65.87 33.67 -9.68
CA VAL B 59 66.61 32.42 -9.85
C VAL B 59 68.08 32.67 -9.56
N SER B 60 68.68 31.82 -8.74
CA SER B 60 70.10 31.88 -8.44
C SER B 60 70.83 30.77 -9.18
N PRO B 61 71.70 31.09 -10.13
CA PRO B 61 72.23 30.05 -11.03
C PRO B 61 72.99 28.95 -10.32
N GLY B 62 73.64 29.24 -9.20
CA GLY B 62 74.56 28.30 -8.59
C GLY B 62 75.94 28.38 -9.22
N ALA B 63 76.82 27.52 -8.72
CA ALA B 63 78.21 27.55 -9.18
C ALA B 63 78.84 26.17 -8.98
N VAL B 64 79.97 25.96 -9.65
CA VAL B 64 80.73 24.72 -9.57
C VAL B 64 82.17 25.07 -9.23
N ASP B 65 82.76 24.30 -8.32
CA ASP B 65 84.13 24.54 -7.90
C ASP B 65 84.74 23.23 -7.41
N ILE B 66 86.07 23.19 -7.40
CA ILE B 66 86.78 22.03 -6.86
C ILE B 66 86.49 21.86 -5.37
N VAL B 67 86.50 22.96 -4.62
CA VAL B 67 86.28 22.89 -3.19
C VAL B 67 84.91 23.45 -2.78
N GLY B 68 84.38 24.41 -3.51
CA GLY B 68 83.04 24.92 -3.26
C GLY B 68 83.02 26.20 -2.46
N GLU B 69 83.86 27.17 -2.84
CA GLU B 69 83.85 28.49 -2.22
C GLU B 69 83.39 29.47 -3.30
N GLN B 70 82.08 29.66 -3.38
CA GLN B 70 81.49 30.65 -4.28
C GLN B 70 80.41 31.50 -3.64
N GLU B 71 79.85 31.09 -2.50
CA GLU B 71 78.84 31.85 -1.77
C GLU B 71 77.66 32.21 -2.68
N THR B 72 77.04 31.15 -3.21
CA THR B 72 75.89 31.33 -4.09
C THR B 72 74.69 31.83 -3.30
N ALA B 73 73.78 32.49 -3.99
CA ALA B 73 72.64 33.11 -3.32
C ALA B 73 71.79 32.05 -2.64
N MET B 74 71.43 32.32 -1.39
CA MET B 74 70.61 31.38 -0.62
C MET B 74 69.21 31.35 -1.20
N VAL B 75 68.70 30.16 -1.49
CA VAL B 75 67.37 29.98 -2.04
C VAL B 75 66.41 29.68 -0.90
N PHE B 76 65.34 30.47 -0.80
CA PHE B 76 64.38 30.34 0.28
C PHE B 76 63.10 31.06 -0.13
N THR B 77 62.05 30.83 0.65
CA THR B 77 60.78 31.50 0.40
C THR B 77 60.93 33.01 0.54
N ASP B 78 60.47 33.75 -0.46
CA ASP B 78 60.55 35.20 -0.40
C ASP B 78 59.50 35.78 0.54
N ALA B 79 58.38 35.08 0.71
CA ALA B 79 57.32 35.54 1.62
C ALA B 79 56.44 34.35 1.98
N ARG B 80 56.43 33.98 3.25
CA ARG B 80 55.51 32.95 3.71
C ARG B 80 54.09 33.48 3.77
N LYS B 81 53.14 32.66 3.33
CA LYS B 81 51.73 33.06 3.28
C LYS B 81 50.83 32.22 4.17
N PHE B 82 51.03 30.90 4.20
CA PHE B 82 50.23 29.98 5.01
C PHE B 82 48.75 30.10 4.66
N LYS B 83 48.43 29.73 3.42
CA LYS B 83 47.05 29.68 2.99
C LYS B 83 46.32 28.50 3.64
N THR B 84 45.01 28.62 3.76
CA THR B 84 44.19 27.56 4.31
C THR B 84 43.65 26.68 3.19
N ILE B 85 43.40 25.42 3.53
CA ILE B 85 43.05 24.40 2.53
C ILE B 85 41.53 24.33 2.45
N PRO B 86 40.93 24.57 1.29
CA PRO B 86 39.47 24.49 1.16
C PRO B 86 39.02 23.03 1.10
N ILE B 87 37.71 22.85 0.90
CA ILE B 87 37.12 21.53 0.77
C ILE B 87 36.22 21.53 -0.46
N ILE B 88 36.43 20.57 -1.36
CA ILE B 88 35.59 20.37 -2.54
C ILE B 88 34.74 19.13 -2.29
N TYR B 89 33.43 19.27 -2.49
CA TYR B 89 32.51 18.23 -2.06
C TYR B 89 31.28 18.23 -2.95
N LYS B 90 30.57 17.10 -2.92
CA LYS B 90 29.29 17.00 -3.62
C LYS B 90 28.42 15.94 -2.94
N ASP B 91 27.11 16.19 -2.91
CA ASP B 91 26.17 15.35 -2.17
C ASP B 91 25.37 14.46 -3.10
N PHE B 92 25.38 13.16 -2.85
CA PHE B 92 24.51 12.21 -3.54
C PHE B 92 23.65 11.48 -2.51
N LEU B 93 22.61 10.80 -3.01
CA LEU B 93 21.58 10.19 -2.18
C LEU B 93 21.47 8.70 -2.49
N LEU B 94 21.35 7.89 -1.45
CA LEU B 94 21.20 6.44 -1.56
C LEU B 94 19.95 6.02 -0.80
N HIS B 95 19.13 5.17 -1.41
CA HIS B 95 17.83 4.84 -0.85
C HIS B 95 17.90 3.52 -0.06
N TRP B 96 17.16 3.48 1.05
CA TRP B 96 17.19 2.33 1.96
C TRP B 96 16.67 1.06 1.29
N ARG B 97 15.63 1.19 0.46
CA ARG B 97 15.12 0.02 -0.25
C ARG B 97 16.13 -0.52 -1.24
N ASP B 98 16.93 0.36 -1.87
CA ASP B 98 17.99 -0.13 -2.74
C ASP B 98 19.03 -0.93 -1.95
N ILE B 99 19.39 -0.45 -0.76
CA ILE B 99 20.34 -1.18 0.08
C ILE B 99 19.76 -2.53 0.49
N GLU B 100 18.49 -2.54 0.87
CA GLU B 100 17.85 -3.80 1.26
C GLU B 100 17.79 -4.78 0.10
N ALA B 101 17.48 -4.28 -1.10
CA ALA B 101 17.46 -5.13 -2.28
C ALA B 101 18.84 -5.69 -2.56
N ALA B 102 19.88 -4.87 -2.41
CA ALA B 102 21.24 -5.37 -2.59
C ALA B 102 21.54 -6.48 -1.58
N ARG B 103 21.15 -6.27 -0.32
CA ARG B 103 21.42 -7.27 0.71
C ARG B 103 20.68 -8.57 0.43
N THR B 104 19.44 -8.49 -0.05
CA THR B 104 18.65 -9.69 -0.29
C THR B 104 19.15 -10.43 -1.54
N HIS B 105 19.21 -9.73 -2.67
CA HIS B 105 19.64 -10.35 -3.92
C HIS B 105 21.10 -10.75 -3.93
N ASN B 106 21.89 -10.29 -2.95
CA ASN B 106 23.34 -10.55 -2.90
C ASN B 106 24.00 -10.03 -4.19
N MET B 107 23.65 -8.80 -4.55
CA MET B 107 24.09 -8.16 -5.78
C MET B 107 24.81 -6.86 -5.46
N PRO B 108 25.68 -6.39 -6.34
CA PRO B 108 26.38 -5.13 -6.09
C PRO B 108 25.40 -3.97 -5.95
N LEU B 109 25.71 -3.06 -5.03
CA LEU B 109 24.85 -1.91 -4.78
C LEU B 109 24.96 -0.90 -5.93
N ASP B 110 23.84 -0.26 -6.25
CA ASP B 110 23.81 0.72 -7.33
C ASP B 110 24.38 2.05 -6.84
N VAL B 111 25.43 2.52 -7.52
CA VAL B 111 26.16 3.70 -7.09
C VAL B 111 26.17 4.76 -8.18
N SER B 112 25.08 4.83 -8.94
CA SER B 112 25.00 5.82 -10.03
C SER B 112 25.08 7.24 -9.48
N ALA B 113 24.36 7.51 -8.39
CA ALA B 113 24.42 8.83 -7.77
C ALA B 113 25.81 9.12 -7.25
N ALA B 114 26.49 8.10 -6.70
CA ALA B 114 27.86 8.29 -6.23
C ALA B 114 28.77 8.65 -7.39
N ALA B 115 28.62 7.98 -8.53
CA ALA B 115 29.44 8.30 -9.69
C ALA B 115 29.17 9.72 -10.17
N GLY B 116 27.90 10.12 -10.20
CA GLY B 116 27.58 11.48 -10.61
C GLY B 116 28.19 12.51 -9.67
N ALA B 117 28.11 12.27 -8.36
CA ALA B 117 28.71 13.17 -7.39
C ALA B 117 30.22 13.23 -7.57
N ALA B 118 30.86 12.10 -7.84
CA ALA B 118 32.29 12.08 -8.08
C ALA B 118 32.64 12.91 -9.32
N ALA B 119 31.85 12.77 -10.39
CA ALA B 119 32.10 13.53 -11.61
C ALA B 119 31.97 15.03 -11.36
N LEU B 120 30.91 15.44 -10.66
CA LEU B 120 30.74 16.86 -10.37
C LEU B 120 31.83 17.38 -9.45
N CYS B 121 32.28 16.57 -8.48
CA CYS B 121 33.36 17.01 -7.61
C CYS B 121 34.67 17.15 -8.36
N ALA B 122 34.93 16.24 -9.31
CA ALA B 122 36.11 16.37 -10.15
C ALA B 122 36.04 17.61 -11.02
N GLN B 123 34.86 17.91 -11.56
CA GLN B 123 34.68 19.14 -12.31
C GLN B 123 34.94 20.37 -11.46
N GLN B 124 34.44 20.37 -10.22
CA GLN B 124 34.67 21.50 -9.32
C GLN B 124 36.15 21.64 -8.97
N GLU B 125 36.84 20.52 -8.78
CA GLU B 125 38.27 20.59 -8.51
C GLU B 125 39.02 21.19 -9.69
N ASP B 126 38.67 20.78 -10.91
CA ASP B 126 39.31 21.36 -12.08
C ASP B 126 39.01 22.85 -12.19
N GLU B 127 37.77 23.24 -11.87
CA GLU B 127 37.42 24.66 -11.86
C GLU B 127 38.26 25.43 -10.86
N LEU B 128 38.42 24.89 -9.65
CA LEU B 128 39.22 25.56 -8.63
C LEU B 128 40.67 25.68 -9.06
N ILE B 129 41.22 24.61 -9.66
CA ILE B 129 42.61 24.62 -10.08
C ILE B 129 42.83 25.65 -11.17
N PHE B 130 41.97 25.67 -12.18
CA PHE B 130 42.22 26.54 -13.32
C PHE B 130 41.87 27.99 -13.01
N TYR B 131 40.69 28.23 -12.43
CA TYR B 131 40.27 29.57 -12.03
C TYR B 131 40.02 29.61 -10.54
N GLY B 132 40.47 30.68 -9.87
CA GLY B 132 40.30 30.73 -8.44
C GLY B 132 38.85 30.97 -8.05
N ASP B 133 38.51 30.59 -6.81
CA ASP B 133 37.18 30.88 -6.30
C ASP B 133 36.92 32.38 -6.22
N ALA B 134 37.99 33.15 -5.95
CA ALA B 134 38.00 34.61 -5.82
C ALA B 134 37.54 35.09 -4.45
N ARG B 135 36.42 34.57 -3.93
CA ARG B 135 35.92 35.08 -2.66
C ARG B 135 36.92 34.82 -1.54
N LEU B 136 37.51 33.63 -1.51
CA LEU B 136 38.54 33.29 -0.53
C LEU B 136 39.91 33.81 -0.94
N GLY B 137 40.06 34.27 -2.17
CA GLY B 137 41.29 34.87 -2.64
C GLY B 137 42.34 33.90 -3.12
N TYR B 138 42.02 32.61 -3.21
CA TYR B 138 42.94 31.64 -3.80
C TYR B 138 43.34 32.09 -5.21
N GLU B 139 44.52 31.66 -5.64
CA GLU B 139 45.07 32.08 -6.92
C GLU B 139 45.23 30.85 -7.82
N GLY B 140 44.78 30.97 -9.07
CA GLY B 140 44.79 29.87 -10.01
C GLY B 140 45.62 30.15 -11.24
N LEU B 141 45.58 29.23 -12.21
CA LEU B 141 46.36 29.41 -13.43
C LEU B 141 45.92 30.65 -14.20
N MET B 142 44.60 30.88 -14.28
CA MET B 142 44.09 32.04 -14.98
C MET B 142 44.08 33.29 -14.12
N THR B 143 44.21 33.14 -12.80
CA THR B 143 44.19 34.26 -11.87
C THR B 143 45.57 34.59 -11.33
N ALA B 144 46.61 33.96 -11.84
CA ALA B 144 47.95 34.18 -11.33
C ALA B 144 48.45 35.57 -11.69
N ASN B 145 49.39 36.06 -10.88
CA ASN B 145 50.09 37.31 -11.14
C ASN B 145 51.48 37.00 -11.69
N GLY B 146 51.83 37.67 -12.78
CA GLY B 146 53.05 37.32 -13.49
C GLY B 146 52.80 36.17 -14.43
N ARG B 147 51.71 36.26 -15.19
CA ARG B 147 51.29 35.18 -16.07
C ARG B 147 51.99 35.20 -17.42
N LEU B 148 52.70 36.26 -17.76
CA LEU B 148 53.38 36.38 -19.05
C LEU B 148 52.39 36.20 -20.21
N THR B 149 51.41 37.11 -20.26
CA THR B 149 50.38 37.02 -21.28
C THR B 149 50.98 37.18 -22.66
N VAL B 150 50.52 36.36 -23.61
CA VAL B 150 51.04 36.37 -24.97
C VAL B 150 49.86 36.42 -25.93
N PRO B 151 49.96 37.15 -27.03
CA PRO B 151 48.86 37.17 -28.01
C PRO B 151 48.68 35.80 -28.66
N LEU B 152 47.47 35.61 -29.23
CA LEU B 152 47.09 34.34 -29.83
C LEU B 152 46.52 34.59 -31.22
N GLY B 153 46.93 35.70 -31.84
CA GLY B 153 46.40 36.08 -33.15
C GLY B 153 46.67 35.04 -34.21
N ASP B 154 45.91 35.15 -35.31
CA ASP B 154 46.06 34.30 -36.49
C ASP B 154 45.68 32.86 -36.18
N TRP B 155 44.81 32.67 -35.19
CA TRP B 155 44.31 31.34 -34.86
C TRP B 155 43.47 30.78 -36.01
N THR B 156 43.62 29.47 -36.23
CA THR B 156 42.93 28.61 -37.23
C THR B 156 43.56 28.72 -38.60
N SER B 157 44.60 29.44 -38.75
CA SER B 157 45.45 29.58 -39.91
C SER B 157 46.57 28.54 -39.84
N PRO B 158 47.09 28.07 -40.98
CA PRO B 158 48.07 26.97 -40.90
C PRO B 158 49.28 27.43 -40.09
N GLY B 159 49.70 26.56 -39.17
CA GLY B 159 50.86 26.82 -38.34
C GLY B 159 50.62 27.77 -37.19
N GLY B 160 49.38 28.24 -37.00
CA GLY B 160 49.13 29.23 -35.95
C GLY B 160 49.41 28.68 -34.56
N GLY B 161 48.99 27.44 -34.31
CA GLY B 161 49.18 26.86 -33.00
C GLY B 161 50.65 26.75 -32.68
N PHE B 162 51.44 26.34 -33.67
CA PHE B 162 52.86 26.15 -33.42
C PHE B 162 53.47 27.50 -33.06
N GLN B 163 53.07 28.55 -33.78
CA GLN B 163 53.66 29.86 -33.54
C GLN B 163 53.36 30.31 -32.12
N ALA B 164 52.09 30.18 -31.71
CA ALA B 164 51.70 30.62 -30.38
C ALA B 164 52.49 29.87 -29.31
N ILE B 165 52.52 28.53 -29.43
CA ILE B 165 53.20 27.71 -28.43
C ILE B 165 54.68 28.06 -28.40
N VAL B 166 55.28 28.26 -29.58
CA VAL B 166 56.71 28.55 -29.63
C VAL B 166 56.98 29.87 -28.92
N GLU B 167 56.13 30.87 -29.15
CA GLU B 167 56.38 32.17 -28.54
C GLU B 167 56.28 32.05 -27.02
N ALA B 168 55.29 31.28 -26.54
CA ALA B 168 55.17 31.09 -25.10
C ALA B 168 56.40 30.38 -24.56
N THR B 169 56.87 29.38 -25.31
CA THR B 169 58.03 28.61 -24.88
C THR B 169 59.25 29.50 -24.78
N ARG B 170 59.40 30.42 -25.75
CA ARG B 170 60.51 31.37 -25.70
C ARG B 170 60.40 32.23 -24.46
N LYS B 171 59.18 32.70 -24.14
CA LYS B 171 59.06 33.60 -23.00
C LYS B 171 59.46 32.84 -21.73
N LEU B 172 59.02 31.58 -21.62
CA LEU B 172 59.35 30.79 -20.45
C LEU B 172 60.85 30.57 -20.37
N ASN B 173 61.49 30.33 -21.53
CA ASN B 173 62.94 30.12 -21.54
C ASN B 173 63.64 31.38 -21.05
N GLU B 174 63.16 32.55 -21.50
CA GLU B 174 63.81 33.80 -21.11
C GLU B 174 63.72 33.98 -19.60
N GLN B 175 62.57 33.63 -19.02
CA GLN B 175 62.45 33.71 -17.57
C GLN B 175 63.43 32.75 -16.90
N GLY B 176 63.59 31.56 -17.47
CA GLY B 176 64.53 30.57 -16.95
C GLY B 176 63.90 29.22 -16.64
N HIS B 177 62.77 28.93 -17.28
CA HIS B 177 62.06 27.68 -17.10
C HIS B 177 62.21 26.84 -18.37
N PHE B 178 62.53 25.55 -18.20
CA PHE B 178 63.01 24.75 -19.32
C PHE B 178 62.42 23.35 -19.42
N GLY B 179 61.75 22.83 -18.39
CA GLY B 179 61.40 21.43 -18.34
C GLY B 179 60.40 20.98 -19.38
N PRO B 180 59.86 19.77 -19.18
CA PRO B 180 58.80 19.26 -20.08
C PRO B 180 57.54 20.12 -19.98
N TYR B 181 57.14 20.69 -21.11
CA TYR B 181 55.97 21.55 -21.15
C TYR B 181 54.69 20.72 -21.26
N ALA B 182 53.61 21.25 -20.67
CA ALA B 182 52.26 20.72 -20.82
C ALA B 182 51.36 21.83 -21.32
N VAL B 183 50.53 21.54 -22.31
CA VAL B 183 49.63 22.52 -22.91
C VAL B 183 48.19 22.07 -22.67
N VAL B 184 47.41 22.93 -22.04
CA VAL B 184 46.00 22.67 -21.76
C VAL B 184 45.18 23.72 -22.47
N LEU B 185 44.18 23.29 -23.22
CA LEU B 185 43.40 24.14 -24.11
C LEU B 185 41.91 23.96 -23.89
N SER B 186 41.17 25.04 -24.14
CA SER B 186 39.72 24.95 -24.16
C SER B 186 39.28 24.17 -25.39
N PRO B 187 38.10 23.54 -25.33
CA PRO B 187 37.67 22.68 -26.45
C PRO B 187 37.59 23.38 -27.80
N ARG B 188 37.21 24.66 -27.83
CA ARG B 188 37.05 25.39 -29.08
C ARG B 188 38.35 25.44 -29.87
N LEU B 189 39.36 26.13 -29.33
CA LEU B 189 40.64 26.18 -30.04
C LEU B 189 41.35 24.84 -30.05
N TYR B 190 40.98 23.92 -29.15
CA TYR B 190 41.48 22.55 -29.24
C TYR B 190 41.09 21.93 -30.57
N SER B 191 39.80 21.95 -30.90
CA SER B 191 39.36 21.43 -32.20
C SER B 191 39.89 22.27 -33.35
N GLN B 192 39.99 23.59 -33.15
CA GLN B 192 40.48 24.45 -34.23
C GLN B 192 41.91 24.13 -34.60
N LEU B 193 42.70 23.61 -33.66
CA LEU B 193 44.04 23.18 -34.05
C LEU B 193 44.05 21.70 -34.38
N HIS B 194 43.06 20.96 -33.87
CA HIS B 194 42.99 19.52 -34.11
C HIS B 194 42.80 19.24 -35.58
N ARG B 195 42.07 20.14 -36.28
CA ARG B 195 41.61 19.82 -37.64
C ARG B 195 42.76 19.50 -38.59
N GLY B 196 43.88 20.23 -38.49
CA GLY B 196 44.95 19.93 -39.44
C GLY B 196 46.37 19.68 -38.94
N GLY B 197 46.56 18.59 -38.21
CA GLY B 197 47.87 18.08 -37.83
C GLY B 197 48.58 18.83 -36.72
N GLU B 198 47.95 19.82 -36.12
CA GLU B 198 48.60 20.66 -35.11
C GLU B 198 48.96 19.86 -33.87
N ILE B 199 48.08 18.93 -33.47
CA ILE B 199 48.25 18.22 -32.21
C ILE B 199 49.56 17.44 -32.17
N GLU B 200 49.94 16.77 -33.26
CA GLU B 200 51.16 15.97 -33.19
C GLU B 200 52.38 16.84 -32.94
N THR B 201 52.46 17.98 -33.63
CA THR B 201 53.56 18.92 -33.41
C THR B 201 53.52 19.49 -32.00
N ILE B 202 52.33 19.86 -31.51
CA ILE B 202 52.26 20.39 -30.16
C ILE B 202 52.70 19.33 -29.16
N ARG B 203 52.29 18.08 -29.39
CA ARG B 203 52.60 17.02 -28.45
C ARG B 203 54.11 16.82 -28.39
N GLN B 204 54.76 16.83 -29.55
CA GLN B 204 56.20 16.63 -29.58
C GLN B 204 56.90 17.78 -28.86
N LEU B 205 56.69 19.02 -29.33
CA LEU B 205 57.43 20.15 -28.80
C LEU B 205 57.14 20.39 -27.31
N ALA B 206 55.88 20.30 -26.90
CA ALA B 206 55.56 20.48 -25.49
C ALA B 206 56.19 19.39 -24.64
N SER B 207 56.09 18.15 -25.09
CA SER B 207 56.72 16.92 -24.63
C SER B 207 56.00 16.23 -23.46
N ASP B 208 55.05 16.86 -22.77
CA ASP B 208 54.31 16.08 -21.77
C ASP B 208 52.85 15.85 -22.12
N GLY B 209 52.10 16.89 -22.45
CA GLY B 209 50.68 16.72 -22.69
C GLY B 209 50.08 17.78 -23.58
N VAL B 210 48.93 17.44 -24.15
CA VAL B 210 48.08 18.36 -24.89
C VAL B 210 46.64 18.06 -24.48
N TYR B 211 46.23 18.57 -23.33
CA TYR B 211 44.97 18.19 -22.72
C TYR B 211 43.88 19.21 -23.02
N GLN B 212 42.63 18.75 -22.90
CA GLN B 212 41.45 19.58 -23.11
C GLN B 212 40.65 19.63 -21.82
N SER B 213 40.21 20.83 -21.45
CA SER B 213 39.38 21.00 -20.25
C SER B 213 38.23 21.92 -20.58
N ASN B 214 37.02 21.52 -20.16
CA ASN B 214 35.85 22.35 -20.36
C ASN B 214 35.77 23.52 -19.39
N ARG B 215 36.57 23.50 -18.32
CA ARG B 215 36.51 24.55 -17.32
C ARG B 215 37.07 25.86 -17.82
N LEU B 216 37.87 25.84 -18.88
CA LEU B 216 38.39 27.07 -19.45
C LEU B 216 37.28 27.84 -20.14
N ARG B 217 37.58 29.10 -20.48
CA ARG B 217 36.60 29.98 -21.09
C ARG B 217 36.46 29.63 -22.58
N GLY B 218 35.80 30.52 -23.33
CA GLY B 218 35.52 30.22 -24.72
C GLY B 218 36.75 29.95 -25.56
N GLU B 219 37.80 30.77 -25.37
CA GLU B 219 39.00 30.64 -26.19
C GLU B 219 40.20 31.04 -25.33
N SER B 220 40.85 30.06 -24.71
CA SER B 220 42.02 30.32 -23.87
C SER B 220 42.83 29.04 -23.77
N GLY B 221 44.07 29.19 -23.30
CA GLY B 221 44.96 28.06 -23.13
C GLY B 221 46.18 28.45 -22.31
N VAL B 222 46.84 27.43 -21.78
CA VAL B 222 48.02 27.61 -20.93
C VAL B 222 49.07 26.58 -21.27
N VAL B 223 50.33 26.92 -21.00
CA VAL B 223 51.48 26.06 -21.28
C VAL B 223 52.34 25.98 -20.02
N VAL B 224 51.86 25.22 -19.05
CA VAL B 224 52.52 25.10 -17.76
C VAL B 224 53.80 24.27 -17.84
N SER B 225 54.77 24.60 -16.98
CA SER B 225 55.93 23.73 -16.77
C SER B 225 55.54 22.61 -15.83
N THR B 226 55.61 21.36 -16.30
CA THR B 226 55.11 20.23 -15.51
C THR B 226 55.90 20.04 -14.21
N GLY B 227 57.20 20.30 -14.24
CA GLY B 227 58.06 19.88 -13.14
C GLY B 227 57.70 20.53 -11.82
N ARG B 228 57.99 19.81 -10.74
CA ARG B 228 57.69 20.26 -9.40
C ARG B 228 58.57 21.46 -9.04
N GLU B 229 58.17 22.13 -7.96
CA GLU B 229 58.71 23.42 -7.48
C GLU B 229 58.04 24.57 -8.23
N ASN B 230 57.86 24.43 -9.54
CA ASN B 230 57.11 25.47 -10.25
C ASN B 230 55.67 25.53 -9.76
N MET B 231 55.04 24.37 -9.58
CA MET B 231 53.68 24.25 -9.11
C MET B 231 53.54 22.97 -8.29
N ASP B 232 52.52 22.92 -7.45
CA ASP B 232 52.30 21.71 -6.64
C ASP B 232 50.81 21.59 -6.32
N LEU B 233 50.47 20.59 -5.50
CA LEU B 233 49.07 20.34 -5.13
C LEU B 233 49.06 19.75 -3.72
N ALA B 234 48.91 20.63 -2.73
CA ALA B 234 48.83 20.17 -1.35
C ALA B 234 47.51 19.45 -1.11
N VAL B 235 47.59 18.27 -0.48
CA VAL B 235 46.44 17.41 -0.25
C VAL B 235 46.29 17.20 1.24
N SER B 236 45.09 17.40 1.77
CA SER B 236 44.79 16.92 3.11
C SER B 236 44.21 15.52 3.08
N MET B 237 43.26 15.28 2.18
CA MET B 237 42.59 13.99 2.09
C MET B 237 41.95 13.87 0.72
N ASP B 238 42.00 12.68 0.15
CA ASP B 238 41.72 12.48 -1.27
C ASP B 238 40.21 12.26 -1.44
N MET B 239 39.80 11.83 -2.63
CA MET B 239 38.41 11.50 -2.90
C MET B 239 37.92 10.45 -1.92
N VAL B 240 36.97 10.81 -1.06
CA VAL B 240 36.37 9.87 -0.12
C VAL B 240 34.86 10.08 -0.10
N ALA B 241 34.15 9.11 0.46
CA ALA B 241 32.71 9.20 0.67
C ALA B 241 32.41 9.22 2.16
N ALA B 242 31.60 10.18 2.58
CA ALA B 242 31.27 10.32 4.00
C ALA B 242 29.77 10.34 4.19
N TYR B 243 29.34 9.84 5.35
CA TYR B 243 27.92 9.67 5.68
C TYR B 243 27.43 10.86 6.50
N LEU B 244 26.45 11.58 5.96
CA LEU B 244 25.91 12.78 6.58
C LEU B 244 24.63 12.50 7.35
N GLY B 245 24.56 11.36 8.05
CA GLY B 245 23.39 11.05 8.85
C GLY B 245 22.30 10.45 7.98
N ALA B 246 21.15 10.20 8.57
CA ALA B 246 19.99 9.73 7.83
C ALA B 246 18.87 10.75 7.93
N SER B 247 18.34 11.17 6.78
CA SER B 247 17.25 12.13 6.74
C SER B 247 16.09 11.57 5.91
N ARG B 248 14.88 11.64 6.45
CA ARG B 248 13.67 11.28 5.71
C ARG B 248 13.73 9.87 5.14
N MET B 249 14.28 8.94 5.92
CA MET B 249 14.36 7.53 5.53
C MET B 249 15.20 7.39 4.26
N ASN B 250 16.32 8.11 4.21
CA ASN B 250 17.26 8.02 3.11
C ASN B 250 18.67 7.89 3.66
N HIS B 251 19.68 7.96 2.80
CA HIS B 251 21.06 7.95 3.23
C HIS B 251 21.82 8.93 2.35
N PRO B 252 21.99 10.17 2.81
CA PRO B 252 22.79 11.13 2.05
C PRO B 252 24.27 10.90 2.33
N PHE B 253 25.06 10.88 1.27
CA PHE B 253 26.51 10.79 1.38
C PHE B 253 27.11 11.94 0.59
N ARG B 254 28.38 12.20 0.85
CA ARG B 254 29.05 13.28 0.15
C ARG B 254 30.47 12.87 -0.19
N VAL B 255 30.85 13.12 -1.44
CA VAL B 255 32.24 12.97 -1.88
C VAL B 255 33.02 14.19 -1.41
N LEU B 256 34.16 13.91 -0.79
CA LEU B 256 35.00 14.89 -0.10
C LEU B 256 36.42 14.86 -0.65
N GLU B 257 37.01 16.04 -0.79
CA GLU B 257 38.45 16.19 -0.95
C GLU B 257 38.86 17.51 -0.32
N ALA B 258 40.12 17.60 0.05
CA ALA B 258 40.71 18.85 0.52
C ALA B 258 42.00 19.05 -0.28
N LEU B 259 41.93 19.94 -1.27
CA LEU B 259 43.01 20.18 -2.20
C LEU B 259 43.35 21.65 -2.21
N LEU B 260 44.61 21.96 -2.50
CA LEU B 260 45.03 23.35 -2.62
C LEU B 260 46.16 23.45 -3.62
N LEU B 261 45.93 24.19 -4.70
CA LEU B 261 46.94 24.42 -5.71
C LEU B 261 47.84 25.56 -5.26
N ARG B 262 49.13 25.27 -5.09
CA ARG B 262 50.12 26.29 -4.77
C ARG B 262 51.03 26.45 -5.98
N ILE B 263 50.95 27.63 -6.61
CA ILE B 263 51.85 27.98 -7.71
C ILE B 263 53.07 28.63 -7.07
N LYS B 264 54.09 27.81 -6.81
CA LYS B 264 55.25 28.28 -6.06
C LYS B 264 56.05 29.29 -6.88
N HIS B 265 56.19 29.05 -8.18
CA HIS B 265 56.93 29.94 -9.07
C HIS B 265 55.97 30.46 -10.14
N PRO B 266 55.46 31.69 -10.00
CA PRO B 266 54.49 32.21 -10.97
C PRO B 266 55.06 32.47 -12.35
N ASP B 267 56.38 32.42 -12.54
CA ASP B 267 56.94 32.63 -13.85
C ASP B 267 56.86 31.39 -14.74
N ALA B 268 56.42 30.27 -14.20
CA ALA B 268 56.37 29.01 -14.92
C ALA B 268 55.11 28.85 -15.77
N ILE B 269 54.32 29.91 -15.90
CA ILE B 269 53.02 29.83 -16.56
C ILE B 269 52.98 30.89 -17.66
N CYS B 270 52.30 30.57 -18.75
CA CYS B 270 52.06 31.51 -19.84
C CYS B 270 50.67 31.26 -20.38
N THR B 271 49.79 32.26 -20.23
CA THR B 271 48.41 32.15 -20.68
C THR B 271 48.27 32.65 -22.11
N LEU B 272 47.14 32.33 -22.73
CA LEU B 272 46.85 32.76 -24.09
C LEU B 272 45.56 33.58 -24.15
N PRO C 2 21.51 -24.64 -9.53
CA PRO C 2 21.88 -24.34 -10.92
C PRO C 2 21.08 -25.16 -11.93
N ASP C 3 19.81 -25.40 -11.63
CA ASP C 3 18.94 -26.16 -12.53
C ASP C 3 18.69 -25.44 -13.86
N PHE C 4 18.99 -24.15 -13.95
CA PHE C 4 18.77 -23.41 -15.18
C PHE C 4 19.74 -23.81 -16.29
N LEU C 5 20.78 -24.58 -15.99
CA LEU C 5 21.70 -25.09 -17.00
C LEU C 5 21.53 -26.59 -17.23
N GLY C 6 20.32 -27.10 -17.03
CA GLY C 6 20.07 -28.52 -17.17
C GLY C 6 18.60 -28.80 -17.41
N HIS C 7 18.34 -30.00 -17.94
CA HIS C 7 16.98 -30.45 -18.22
C HIS C 7 16.36 -30.94 -16.91
N ALA C 8 15.91 -29.98 -16.11
CA ALA C 8 15.49 -30.25 -14.74
C ALA C 8 14.38 -31.30 -14.69
N GLU C 9 14.51 -32.25 -13.77
CA GLU C 9 13.58 -33.36 -13.68
C GLU C 9 12.34 -32.99 -12.87
N ASN C 10 12.54 -32.44 -11.67
CA ASN C 10 11.45 -31.96 -10.83
C ASN C 10 11.81 -30.59 -10.25
N PRO C 11 11.45 -29.51 -10.95
CA PRO C 11 11.85 -28.17 -10.48
C PRO C 11 11.30 -27.82 -9.11
N LEU C 12 10.07 -28.22 -8.81
CA LEU C 12 9.41 -27.82 -7.58
C LEU C 12 9.65 -28.87 -6.50
N ARG C 13 9.39 -28.48 -5.26
CA ARG C 13 9.47 -29.40 -4.13
C ARG C 13 8.09 -29.61 -3.50
N GLU C 14 8.07 -30.30 -2.36
CA GLU C 14 6.84 -30.90 -1.86
C GLU C 14 5.78 -29.86 -1.50
N GLU C 15 6.15 -28.77 -0.83
CA GLU C 15 5.12 -27.81 -0.46
C GLU C 15 4.62 -27.04 -1.67
N GLU C 16 5.47 -26.80 -2.66
CA GLU C 16 5.01 -26.20 -3.91
C GLU C 16 4.03 -27.12 -4.64
N TRP C 17 4.31 -28.43 -4.66
CA TRP C 17 3.36 -29.37 -5.25
C TRP C 17 2.04 -29.37 -4.49
N ALA C 18 2.10 -29.32 -3.16
CA ALA C 18 0.88 -29.27 -2.37
C ALA C 18 0.08 -28.00 -2.68
N ARG C 19 0.76 -26.86 -2.78
CA ARG C 19 0.08 -25.61 -3.10
C ARG C 19 -0.57 -25.67 -4.48
N LEU C 20 0.16 -26.19 -5.47
CA LEU C 20 -0.40 -26.32 -6.81
C LEU C 20 -1.63 -27.22 -6.81
N ASN C 21 -1.54 -28.36 -6.12
CA ASN C 21 -2.66 -29.29 -6.08
C ASN C 21 -3.87 -28.68 -5.40
N GLU C 22 -3.67 -28.00 -4.27
CA GLU C 22 -4.83 -27.43 -3.60
C GLU C 22 -5.42 -26.28 -4.41
N THR C 23 -4.58 -25.51 -5.10
CA THR C 23 -5.10 -24.43 -5.94
C THR C 23 -5.97 -24.98 -7.05
N VAL C 24 -5.47 -26.00 -7.77
CA VAL C 24 -6.29 -26.56 -8.85
C VAL C 24 -7.55 -27.22 -8.29
N ILE C 25 -7.47 -27.83 -7.12
CA ILE C 25 -8.66 -28.47 -6.54
C ILE C 25 -9.73 -27.42 -6.22
N GLN C 26 -9.32 -26.31 -5.59
CA GLN C 26 -10.30 -25.26 -5.30
C GLN C 26 -10.86 -24.66 -6.58
N VAL C 27 -10.03 -24.48 -7.60
CA VAL C 27 -10.52 -23.96 -8.87
C VAL C 27 -11.58 -24.90 -9.42
N ALA C 28 -11.29 -26.20 -9.40
CA ALA C 28 -12.23 -27.16 -9.97
C ALA C 28 -13.55 -27.13 -9.20
N ARG C 29 -13.48 -27.22 -7.86
CA ARG C 29 -14.71 -27.33 -7.08
C ARG C 29 -15.56 -26.09 -7.26
N ARG C 30 -14.92 -24.91 -7.26
CA ARG C 30 -15.63 -23.66 -7.50
C ARG C 30 -16.24 -23.62 -8.90
N SER C 31 -15.52 -24.12 -9.91
CA SER C 31 -15.93 -23.93 -11.31
C SER C 31 -16.91 -24.96 -11.84
N LEU C 32 -16.82 -26.22 -11.43
CA LEU C 32 -17.66 -27.23 -12.06
C LEU C 32 -19.13 -26.95 -11.79
N VAL C 33 -19.94 -26.96 -12.85
CA VAL C 33 -21.39 -26.82 -12.72
C VAL C 33 -22.06 -28.06 -13.27
N GLY C 34 -21.42 -28.73 -14.23
CA GLY C 34 -21.94 -29.99 -14.72
C GLY C 34 -21.87 -31.09 -13.67
N ARG C 35 -20.79 -31.13 -12.91
CA ARG C 35 -20.65 -32.10 -11.83
C ARG C 35 -21.63 -31.86 -10.69
N ARG C 36 -22.28 -30.69 -10.64
CA ARG C 36 -23.35 -30.50 -9.67
C ARG C 36 -24.59 -31.33 -9.99
N ILE C 37 -24.88 -31.54 -11.28
CA ILE C 37 -26.08 -32.24 -11.69
C ILE C 37 -25.81 -33.64 -12.23
N LEU C 38 -24.56 -34.00 -12.48
CA LEU C 38 -24.20 -35.34 -12.93
C LEU C 38 -23.65 -36.15 -11.77
N ASP C 39 -24.34 -37.23 -11.41
CA ASP C 39 -23.74 -38.26 -10.57
C ASP C 39 -22.61 -38.94 -11.33
N ILE C 40 -21.47 -39.11 -10.65
CA ILE C 40 -20.23 -39.52 -11.30
C ILE C 40 -20.00 -41.00 -11.06
N TYR C 41 -19.77 -41.74 -12.14
CA TYR C 41 -19.34 -43.12 -12.01
C TYR C 41 -17.95 -43.15 -11.39
N GLY C 42 -17.69 -44.16 -10.56
CA GLY C 42 -16.51 -44.22 -9.73
C GLY C 42 -15.20 -44.02 -10.47
N PRO C 43 -14.18 -43.58 -9.75
CA PRO C 43 -12.87 -43.34 -10.38
C PRO C 43 -12.26 -44.63 -10.90
N LEU C 44 -12.09 -44.69 -12.22
CA LEU C 44 -11.60 -45.89 -12.88
C LEU C 44 -10.07 -45.96 -12.91
N GLY C 45 -9.39 -44.82 -12.93
CA GLY C 45 -7.96 -44.76 -13.04
C GLY C 45 -7.50 -44.43 -14.46
N ALA C 46 -6.19 -44.25 -14.59
CA ALA C 46 -5.62 -43.91 -15.90
C ALA C 46 -5.68 -45.08 -16.87
N GLY C 47 -5.68 -46.31 -16.37
CA GLY C 47 -5.62 -47.46 -17.25
C GLY C 47 -6.83 -47.59 -18.15
N VAL C 48 -8.03 -47.37 -17.58
CA VAL C 48 -9.26 -47.53 -18.34
C VAL C 48 -9.40 -46.40 -19.34
N GLN C 49 -9.70 -46.75 -20.60
CA GLN C 49 -9.85 -45.77 -21.67
C GLN C 49 -11.19 -45.84 -22.39
N THR C 50 -11.99 -46.87 -22.13
CA THR C 50 -13.31 -47.00 -22.73
C THR C 50 -14.30 -47.44 -21.67
N VAL C 51 -15.56 -47.04 -21.84
CA VAL C 51 -16.63 -47.43 -20.93
C VAL C 51 -17.84 -47.86 -21.76
N PRO C 52 -18.70 -48.72 -21.23
CA PRO C 52 -19.89 -49.12 -21.99
C PRO C 52 -20.89 -47.96 -22.07
N TYR C 53 -21.29 -47.65 -23.30
CA TYR C 53 -22.31 -46.62 -23.54
C TYR C 53 -23.66 -47.31 -23.66
N ASP C 54 -24.46 -47.20 -22.61
CA ASP C 54 -25.75 -47.88 -22.56
C ASP C 54 -26.85 -47.01 -23.17
N GLU C 55 -27.69 -47.63 -24.00
CA GLU C 55 -28.86 -46.99 -24.57
C GLU C 55 -30.09 -47.68 -24.01
N PHE C 56 -30.95 -46.91 -23.34
CA PHE C 56 -32.15 -47.43 -22.70
C PHE C 56 -33.41 -46.86 -23.32
N GLN C 57 -33.43 -46.79 -24.66
CA GLN C 57 -34.62 -46.31 -25.36
C GLN C 57 -35.77 -47.27 -25.11
N GLY C 58 -36.94 -46.72 -24.80
CA GLY C 58 -38.09 -47.53 -24.49
C GLY C 58 -38.25 -47.76 -23.00
N VAL C 59 -39.49 -47.98 -22.58
CA VAL C 59 -39.85 -48.14 -21.17
C VAL C 59 -40.51 -49.49 -21.00
N SER C 60 -40.03 -50.25 -20.01
CA SER C 60 -40.65 -51.52 -19.65
C SER C 60 -41.30 -51.36 -18.28
N PRO C 61 -42.63 -51.30 -18.19
CA PRO C 61 -43.26 -50.89 -16.93
C PRO C 61 -42.97 -51.81 -15.76
N GLY C 62 -42.71 -53.09 -16.02
CA GLY C 62 -42.55 -54.07 -14.96
C GLY C 62 -43.77 -54.95 -14.81
N ALA C 63 -43.71 -55.85 -13.84
CA ALA C 63 -44.76 -56.83 -13.65
C ALA C 63 -45.08 -56.98 -12.17
N VAL C 64 -46.34 -57.31 -11.90
CA VAL C 64 -46.82 -57.61 -10.55
C VAL C 64 -47.65 -58.88 -10.61
N ASP C 65 -47.37 -59.83 -9.73
CA ASP C 65 -48.09 -61.10 -9.72
C ASP C 65 -47.81 -61.81 -8.41
N ILE C 66 -48.69 -62.74 -8.08
CA ILE C 66 -48.50 -63.56 -6.88
C ILE C 66 -47.35 -64.54 -7.08
N VAL C 67 -47.31 -65.21 -8.24
CA VAL C 67 -46.33 -66.26 -8.45
C VAL C 67 -44.99 -65.72 -8.91
N GLY C 68 -44.94 -64.47 -9.37
CA GLY C 68 -43.71 -63.91 -9.88
C GLY C 68 -43.32 -64.40 -11.25
N GLU C 69 -44.26 -64.91 -12.02
CA GLU C 69 -44.02 -65.41 -13.37
C GLU C 69 -44.97 -64.69 -14.31
N GLN C 70 -44.54 -63.52 -14.79
CA GLN C 70 -45.30 -62.75 -15.77
C GLN C 70 -44.51 -62.49 -17.04
N GLU C 71 -43.20 -62.72 -17.03
CA GLU C 71 -42.33 -62.51 -18.18
C GLU C 71 -42.39 -61.06 -18.66
N THR C 72 -41.96 -60.16 -17.79
CA THR C 72 -41.93 -58.74 -18.11
C THR C 72 -40.81 -58.45 -19.10
N ALA C 73 -40.94 -57.32 -19.80
CA ALA C 73 -39.97 -56.97 -20.82
C ALA C 73 -38.59 -56.77 -20.19
N MET C 74 -37.57 -57.27 -20.88
CA MET C 74 -36.21 -57.19 -20.37
C MET C 74 -35.71 -55.75 -20.51
N VAL C 75 -34.91 -55.31 -19.54
CA VAL C 75 -34.22 -54.03 -19.64
C VAL C 75 -32.73 -54.30 -19.74
N PHE C 76 -32.13 -53.80 -20.81
CA PHE C 76 -30.73 -54.01 -21.13
C PHE C 76 -30.35 -53.01 -22.22
N THR C 77 -29.05 -52.84 -22.41
CA THR C 77 -28.57 -51.98 -23.49
C THR C 77 -29.05 -52.51 -24.84
N ASP C 78 -29.61 -51.60 -25.65
CA ASP C 78 -30.08 -52.00 -26.98
C ASP C 78 -28.92 -52.48 -27.84
N ALA C 79 -27.77 -51.81 -27.75
CA ALA C 79 -26.57 -52.25 -28.46
C ALA C 79 -25.36 -51.63 -27.77
N ARG C 80 -24.46 -52.47 -27.28
CA ARG C 80 -23.26 -51.99 -26.62
C ARG C 80 -22.41 -51.20 -27.62
N LYS C 81 -21.86 -50.07 -27.17
CA LYS C 81 -21.15 -49.18 -28.07
C LYS C 81 -19.67 -49.04 -27.72
N PHE C 82 -19.34 -48.80 -26.44
CA PHE C 82 -17.95 -48.71 -25.98
C PHE C 82 -17.20 -47.60 -26.70
N LYS C 83 -17.68 -46.37 -26.53
CA LYS C 83 -16.90 -45.22 -26.96
C LYS C 83 -15.86 -44.87 -25.90
N THR C 84 -14.77 -44.27 -26.34
CA THR C 84 -13.62 -44.03 -25.48
C THR C 84 -13.76 -42.74 -24.70
N ILE C 85 -12.89 -42.57 -23.71
CA ILE C 85 -12.90 -41.43 -22.81
C ILE C 85 -11.82 -40.46 -23.27
N PRO C 86 -12.18 -39.24 -23.66
CA PRO C 86 -11.17 -38.28 -24.11
C PRO C 86 -10.40 -37.72 -22.92
N ILE C 87 -9.47 -36.81 -23.21
CA ILE C 87 -8.66 -36.15 -22.21
C ILE C 87 -8.83 -34.65 -22.36
N ILE C 88 -9.22 -33.98 -21.28
CA ILE C 88 -9.34 -32.53 -21.24
C ILE C 88 -8.15 -31.99 -20.46
N TYR C 89 -7.36 -31.13 -21.09
CA TYR C 89 -6.10 -30.69 -20.51
C TYR C 89 -5.88 -29.23 -20.82
N LYS C 90 -4.89 -28.66 -20.16
CA LYS C 90 -4.50 -27.27 -20.45
C LYS C 90 -3.10 -27.02 -19.92
N ASP C 91 -2.30 -26.30 -20.70
CA ASP C 91 -0.89 -26.09 -20.39
C ASP C 91 -0.66 -24.68 -19.86
N PHE C 92 -0.04 -24.59 -18.69
CA PHE C 92 0.49 -23.34 -18.18
C PHE C 92 2.01 -23.44 -18.07
N LEU C 93 2.64 -22.31 -17.78
CA LEU C 93 4.08 -22.18 -17.87
C LEU C 93 4.63 -21.51 -16.61
N LEU C 94 5.84 -21.90 -16.25
CA LEU C 94 6.58 -21.28 -15.15
C LEU C 94 7.95 -20.87 -15.69
N HIS C 95 8.33 -19.63 -15.44
CA HIS C 95 9.57 -19.09 -15.97
C HIS C 95 10.74 -19.52 -15.11
N TRP C 96 11.87 -19.83 -15.76
CA TRP C 96 13.04 -20.34 -15.06
C TRP C 96 13.68 -19.29 -14.16
N ARG C 97 13.64 -18.02 -14.57
CA ARG C 97 14.16 -16.96 -13.70
C ARG C 97 13.33 -16.84 -12.43
N ASP C 98 12.00 -17.01 -12.53
CA ASP C 98 11.17 -17.03 -11.33
C ASP C 98 11.53 -18.20 -10.43
N ILE C 99 11.79 -19.37 -11.02
CA ILE C 99 12.23 -20.52 -10.22
C ILE C 99 13.51 -20.17 -9.48
N GLU C 100 14.49 -19.63 -10.20
CA GLU C 100 15.77 -19.31 -9.58
C GLU C 100 15.56 -18.33 -8.44
N ALA C 101 14.66 -17.36 -8.65
CA ALA C 101 14.42 -16.33 -7.64
C ALA C 101 13.84 -16.99 -6.39
N ALA C 102 12.93 -17.94 -6.57
CA ALA C 102 12.41 -18.64 -5.40
C ALA C 102 13.52 -19.41 -4.69
N ARG C 103 14.41 -20.03 -5.46
CA ARG C 103 15.46 -20.86 -4.86
C ARG C 103 16.39 -20.04 -3.99
N THR C 104 16.76 -18.83 -4.44
CA THR C 104 17.75 -18.03 -3.71
C THR C 104 17.19 -16.69 -3.24
N HIS C 105 16.60 -15.90 -4.14
CA HIS C 105 15.99 -14.62 -3.74
C HIS C 105 15.00 -14.82 -2.60
N ASN C 106 14.27 -15.93 -2.62
CA ASN C 106 13.22 -16.36 -1.67
C ASN C 106 11.83 -15.79 -1.93
N MET C 107 11.59 -15.10 -3.04
CA MET C 107 10.23 -14.66 -3.31
C MET C 107 9.31 -15.86 -3.51
N PRO C 108 8.09 -15.79 -2.98
CA PRO C 108 7.15 -16.92 -3.13
C PRO C 108 6.74 -17.12 -4.58
N LEU C 109 6.63 -18.39 -4.97
CA LEU C 109 6.16 -18.72 -6.31
C LEU C 109 4.69 -18.36 -6.48
N ASP C 110 4.34 -17.93 -7.70
CA ASP C 110 2.99 -17.54 -8.04
C ASP C 110 2.48 -18.52 -9.08
N VAL C 111 1.28 -19.04 -8.86
CA VAL C 111 0.70 -20.06 -9.70
C VAL C 111 -0.60 -19.59 -10.35
N SER C 112 -0.77 -18.27 -10.44
CA SER C 112 -1.96 -17.69 -11.06
C SER C 112 -2.17 -18.26 -12.45
N ALA C 113 -1.07 -18.50 -13.18
CA ALA C 113 -1.19 -19.16 -14.48
C ALA C 113 -1.77 -20.55 -14.33
N ALA C 114 -1.37 -21.28 -13.29
CA ALA C 114 -1.94 -22.60 -13.04
C ALA C 114 -3.44 -22.53 -12.76
N ALA C 115 -3.86 -21.58 -11.95
CA ALA C 115 -5.28 -21.44 -11.66
C ALA C 115 -6.06 -21.06 -12.91
N GLY C 116 -5.51 -20.16 -13.74
CA GLY C 116 -6.17 -19.84 -14.99
C GLY C 116 -6.26 -21.02 -15.93
N ALA C 117 -5.20 -21.81 -16.02
CA ALA C 117 -5.23 -23.02 -16.85
C ALA C 117 -6.27 -24.01 -16.33
N ALA C 118 -6.36 -24.18 -15.01
CA ALA C 118 -7.37 -25.05 -14.43
C ALA C 118 -8.77 -24.55 -14.73
N ALA C 119 -8.98 -23.24 -14.63
CA ALA C 119 -10.29 -22.68 -14.95
C ALA C 119 -10.65 -22.91 -16.41
N LEU C 120 -9.68 -22.76 -17.31
CA LEU C 120 -9.96 -23.00 -18.72
C LEU C 120 -10.23 -24.48 -18.98
N CYS C 121 -9.52 -25.38 -18.27
CA CYS C 121 -9.80 -26.81 -18.40
C CYS C 121 -11.20 -27.15 -17.93
N ALA C 122 -11.64 -26.54 -16.82
CA ALA C 122 -13.01 -26.71 -16.36
C ALA C 122 -14.00 -26.16 -17.38
N GLN C 123 -13.66 -25.03 -17.98
CA GLN C 123 -14.49 -24.42 -19.01
C GLN C 123 -14.67 -25.38 -20.19
N GLN C 124 -13.57 -26.00 -20.63
CA GLN C 124 -13.66 -26.95 -21.73
C GLN C 124 -14.44 -28.20 -21.34
N GLU C 125 -14.30 -28.63 -20.09
CA GLU C 125 -15.10 -29.76 -19.62
C GLU C 125 -16.59 -29.45 -19.68
N ASP C 126 -16.97 -28.25 -19.23
CA ASP C 126 -18.37 -27.86 -19.29
C ASP C 126 -18.84 -27.76 -20.74
N GLU C 127 -17.99 -27.26 -21.63
CA GLU C 127 -18.34 -27.21 -23.04
C GLU C 127 -18.57 -28.61 -23.60
N LEU C 128 -17.70 -29.56 -23.24
CA LEU C 128 -17.87 -30.93 -23.70
C LEU C 128 -19.16 -31.55 -23.15
N ILE C 129 -19.46 -31.31 -21.88
CA ILE C 129 -20.65 -31.90 -21.27
C ILE C 129 -21.90 -31.33 -21.93
N PHE C 130 -21.97 -30.01 -22.10
CA PHE C 130 -23.16 -29.37 -22.61
C PHE C 130 -23.24 -29.38 -24.13
N TYR C 131 -22.16 -29.71 -24.82
CA TYR C 131 -22.15 -29.68 -26.28
C TYR C 131 -21.17 -30.72 -26.79
N GLY C 132 -21.56 -31.43 -27.84
CA GLY C 132 -20.63 -32.31 -28.52
C GLY C 132 -19.61 -31.54 -29.33
N ASP C 133 -18.53 -32.23 -29.67
CA ASP C 133 -17.46 -31.63 -30.45
C ASP C 133 -17.51 -31.96 -31.92
N ALA C 134 -18.23 -33.02 -32.31
CA ALA C 134 -18.47 -33.43 -33.69
C ALA C 134 -17.21 -33.88 -34.40
N ARG C 135 -16.05 -33.85 -33.73
CA ARG C 135 -14.79 -34.33 -34.27
C ARG C 135 -14.40 -35.69 -33.72
N LEU C 136 -14.82 -36.01 -32.50
CA LEU C 136 -14.54 -37.30 -31.88
C LEU C 136 -15.78 -38.18 -31.78
N GLY C 137 -16.89 -37.76 -32.38
CA GLY C 137 -18.13 -38.52 -32.29
C GLY C 137 -18.73 -38.56 -30.90
N TYR C 138 -18.62 -37.46 -30.15
CA TYR C 138 -19.17 -37.37 -28.81
C TYR C 138 -20.49 -36.60 -28.83
N GLU C 139 -21.20 -36.64 -27.70
CA GLU C 139 -22.54 -36.07 -27.63
C GLU C 139 -22.69 -35.22 -26.38
N GLY C 140 -23.44 -34.12 -26.51
CA GLY C 140 -23.75 -33.24 -25.42
C GLY C 140 -25.24 -33.18 -25.12
N LEU C 141 -25.59 -32.31 -24.17
CA LEU C 141 -26.98 -32.21 -23.73
C LEU C 141 -27.87 -31.57 -24.79
N MET C 142 -27.44 -30.45 -25.36
CA MET C 142 -28.30 -29.70 -26.27
C MET C 142 -28.18 -30.14 -27.74
N THR C 143 -27.43 -31.19 -28.03
CA THR C 143 -27.28 -31.65 -29.40
C THR C 143 -27.75 -33.10 -29.60
N ALA C 144 -28.17 -33.78 -28.54
CA ALA C 144 -28.51 -35.19 -28.64
C ALA C 144 -29.78 -35.39 -29.47
N ASN C 145 -29.97 -36.62 -29.93
CA ASN C 145 -31.17 -37.01 -30.66
C ASN C 145 -32.22 -37.51 -29.67
N GLY C 146 -33.43 -36.99 -29.79
CA GLY C 146 -34.47 -37.31 -28.83
C GLY C 146 -34.42 -36.40 -27.62
N ARG C 147 -34.43 -35.09 -27.86
CA ARG C 147 -34.30 -34.10 -26.80
C ARG C 147 -35.65 -33.55 -26.32
N LEU C 148 -36.73 -33.86 -27.03
CA LEU C 148 -38.07 -33.36 -26.69
C LEU C 148 -38.07 -31.83 -26.60
N THR C 149 -37.74 -31.20 -27.73
CA THR C 149 -37.65 -29.75 -27.78
C THR C 149 -39.01 -29.12 -27.51
N VAL C 150 -39.01 -28.07 -26.69
CA VAL C 150 -40.24 -27.35 -26.35
C VAL C 150 -40.02 -25.87 -26.69
N PRO C 151 -40.98 -25.20 -27.34
CA PRO C 151 -40.78 -23.80 -27.69
C PRO C 151 -40.70 -22.93 -26.44
N LEU C 152 -40.02 -21.80 -26.58
CA LEU C 152 -39.73 -20.89 -25.48
C LEU C 152 -40.50 -19.58 -25.72
N GLY C 153 -41.53 -19.35 -24.92
CA GLY C 153 -42.22 -18.07 -24.96
C GLY C 153 -41.36 -16.95 -24.42
N ASP C 154 -41.69 -15.74 -24.84
CA ASP C 154 -40.87 -14.58 -24.51
C ASP C 154 -40.80 -14.35 -23.00
N TRP C 155 -39.59 -14.16 -22.50
CA TRP C 155 -39.38 -13.82 -21.09
C TRP C 155 -39.43 -12.30 -20.92
N THR C 156 -38.99 -11.83 -19.77
CA THR C 156 -39.18 -10.48 -19.23
C THR C 156 -40.66 -10.19 -18.95
N SER C 157 -41.54 -11.15 -19.20
CA SER C 157 -42.95 -11.12 -18.91
C SER C 157 -43.23 -12.02 -17.72
N PRO C 158 -43.93 -11.56 -16.68
CA PRO C 158 -44.08 -12.40 -15.48
C PRO C 158 -44.81 -13.69 -15.82
N GLY C 159 -44.28 -14.79 -15.31
CA GLY C 159 -44.84 -16.11 -15.51
C GLY C 159 -44.48 -16.79 -16.81
N GLY C 160 -43.73 -16.11 -17.69
CA GLY C 160 -43.25 -16.78 -18.90
C GLY C 160 -42.26 -17.89 -18.58
N GLY C 161 -41.33 -17.61 -17.66
CA GLY C 161 -40.37 -18.65 -17.30
C GLY C 161 -41.06 -19.81 -16.64
N PHE C 162 -41.99 -19.53 -15.73
CA PHE C 162 -42.63 -20.62 -15.01
C PHE C 162 -43.43 -21.46 -16.00
N GLN C 163 -44.13 -20.81 -16.94
CA GLN C 163 -44.93 -21.54 -17.90
C GLN C 163 -44.02 -22.44 -18.72
N ALA C 164 -42.84 -21.95 -19.11
CA ALA C 164 -41.98 -22.74 -19.98
C ALA C 164 -41.45 -23.95 -19.23
N ILE C 165 -40.83 -23.75 -18.07
CA ILE C 165 -40.30 -24.91 -17.33
C ILE C 165 -41.42 -25.90 -17.05
N VAL C 166 -42.64 -25.42 -16.73
CA VAL C 166 -43.73 -26.33 -16.42
C VAL C 166 -44.11 -27.14 -17.65
N GLU C 167 -44.19 -26.48 -18.82
CA GLU C 167 -44.43 -27.20 -20.06
C GLU C 167 -43.41 -28.32 -20.24
N ALA C 168 -42.13 -27.95 -20.30
CA ALA C 168 -41.04 -28.90 -20.40
C ALA C 168 -41.20 -30.08 -19.43
N THR C 169 -41.60 -29.76 -18.19
CA THR C 169 -41.88 -30.79 -17.20
C THR C 169 -43.01 -31.72 -17.64
N ARG C 170 -44.07 -31.13 -18.22
CA ARG C 170 -45.17 -31.94 -18.74
C ARG C 170 -44.67 -32.90 -19.82
N LYS C 171 -43.83 -32.38 -20.72
CA LYS C 171 -43.28 -33.22 -21.78
C LYS C 171 -42.44 -34.35 -21.20
N LEU C 172 -41.62 -34.05 -20.20
CA LEU C 172 -40.79 -35.07 -19.57
C LEU C 172 -41.65 -36.14 -18.90
N ASN C 173 -42.69 -35.72 -18.18
CA ASN C 173 -43.59 -36.65 -17.50
C ASN C 173 -44.36 -37.50 -18.49
N GLU C 174 -44.73 -36.93 -19.63
CA GLU C 174 -45.40 -37.74 -20.66
C GLU C 174 -44.50 -38.85 -21.17
N GLN C 175 -43.20 -38.60 -21.25
CA GLN C 175 -42.25 -39.64 -21.65
C GLN C 175 -41.91 -40.58 -20.50
N GLY C 176 -42.69 -40.56 -19.43
CA GLY C 176 -42.55 -41.48 -18.31
C GLY C 176 -41.30 -41.33 -17.46
N HIS C 177 -40.84 -40.11 -17.24
CA HIS C 177 -39.76 -39.84 -16.31
C HIS C 177 -40.31 -39.07 -15.11
N PHE C 178 -40.17 -39.65 -13.91
CA PHE C 178 -40.71 -39.03 -12.71
C PHE C 178 -39.62 -38.39 -11.86
N GLY C 179 -38.38 -38.38 -12.34
CA GLY C 179 -37.25 -37.95 -11.57
C GLY C 179 -37.31 -36.49 -11.21
N PRO C 180 -36.82 -36.12 -10.03
CA PRO C 180 -36.73 -34.69 -9.70
C PRO C 180 -35.78 -34.01 -10.67
N TYR C 181 -36.12 -32.79 -11.09
CA TYR C 181 -35.36 -32.15 -12.15
C TYR C 181 -34.54 -30.98 -11.64
N ALA C 182 -33.61 -30.57 -12.49
CA ALA C 182 -32.73 -29.43 -12.29
C ALA C 182 -32.72 -28.64 -13.59
N VAL C 183 -32.68 -27.31 -13.47
CA VAL C 183 -32.81 -26.43 -14.61
C VAL C 183 -31.50 -25.67 -14.77
N VAL C 184 -30.91 -25.77 -15.95
CA VAL C 184 -29.68 -25.07 -16.28
C VAL C 184 -30.00 -24.05 -17.36
N LEU C 185 -29.70 -22.78 -17.08
CA LEU C 185 -30.13 -21.68 -17.94
C LEU C 185 -28.93 -20.81 -18.32
N SER C 186 -29.04 -20.19 -19.49
CA SER C 186 -28.07 -19.22 -19.92
C SER C 186 -28.15 -17.99 -19.02
N PRO C 187 -27.05 -17.25 -18.86
CA PRO C 187 -27.06 -16.10 -17.94
C PRO C 187 -28.11 -15.06 -18.29
N ARG C 188 -28.36 -14.82 -19.58
CA ARG C 188 -29.30 -13.78 -19.99
C ARG C 188 -30.70 -14.06 -19.44
N LEU C 189 -31.30 -15.18 -19.86
CA LEU C 189 -32.64 -15.48 -19.39
C LEU C 189 -32.68 -15.89 -17.92
N TYR C 190 -31.55 -16.34 -17.37
CA TYR C 190 -31.49 -16.57 -15.92
C TYR C 190 -31.67 -15.26 -15.17
N SER C 191 -30.97 -14.21 -15.60
CA SER C 191 -31.16 -12.90 -15.00
C SER C 191 -32.57 -12.38 -15.26
N GLN C 192 -33.12 -12.65 -16.44
CA GLN C 192 -34.49 -12.24 -16.73
C GLN C 192 -35.47 -12.90 -15.75
N LEU C 193 -35.26 -14.18 -15.46
CA LEU C 193 -36.09 -14.86 -14.46
C LEU C 193 -35.86 -14.26 -13.07
N HIS C 194 -34.60 -14.01 -12.72
CA HIS C 194 -34.27 -13.47 -11.41
C HIS C 194 -34.79 -12.05 -11.22
N ARG C 195 -35.12 -11.36 -12.32
CA ARG C 195 -35.68 -10.02 -12.23
C ARG C 195 -36.97 -10.01 -11.41
N GLY C 196 -37.89 -10.91 -11.72
CA GLY C 196 -39.21 -10.89 -11.12
C GLY C 196 -39.34 -11.72 -9.86
N GLY C 197 -38.23 -12.23 -9.32
CA GLY C 197 -38.31 -13.05 -8.12
C GLY C 197 -38.95 -14.40 -8.34
N GLU C 198 -39.02 -14.86 -9.59
CA GLU C 198 -39.60 -16.15 -9.91
C GLU C 198 -38.72 -17.32 -9.54
N ILE C 199 -37.44 -17.08 -9.24
CA ILE C 199 -36.50 -18.17 -8.95
C ILE C 199 -36.93 -18.96 -7.73
N GLU C 200 -37.69 -18.35 -6.81
CA GLU C 200 -38.22 -19.10 -5.68
C GLU C 200 -39.15 -20.22 -6.15
N THR C 201 -40.13 -19.89 -7.02
CA THR C 201 -41.05 -20.90 -7.51
C THR C 201 -40.33 -21.96 -8.33
N ILE C 202 -39.42 -21.54 -9.21
CA ILE C 202 -38.70 -22.50 -10.05
C ILE C 202 -37.85 -23.42 -9.19
N ARG C 203 -37.19 -22.85 -8.18
CA ARG C 203 -36.33 -23.64 -7.31
C ARG C 203 -37.13 -24.64 -6.48
N GLN C 204 -38.29 -24.22 -5.96
CA GLN C 204 -39.09 -25.16 -5.17
C GLN C 204 -39.79 -26.19 -6.06
N LEU C 205 -40.03 -25.88 -7.32
CA LEU C 205 -40.56 -26.89 -8.23
C LEU C 205 -39.49 -27.89 -8.62
N ALA C 206 -38.28 -27.41 -8.91
CA ALA C 206 -37.18 -28.27 -9.31
C ALA C 206 -36.67 -29.10 -8.13
N SER C 207 -36.46 -28.46 -6.98
CA SER C 207 -35.93 -29.06 -5.76
C SER C 207 -34.54 -29.64 -5.95
N ASP C 208 -33.96 -29.48 -7.15
CA ASP C 208 -32.57 -29.88 -7.39
C ASP C 208 -31.70 -28.68 -7.73
N GLY C 209 -32.24 -27.47 -7.65
CA GLY C 209 -31.48 -26.27 -7.85
C GLY C 209 -31.51 -25.77 -9.29
N VAL C 210 -31.22 -24.49 -9.45
CA VAL C 210 -31.10 -23.85 -10.76
C VAL C 210 -29.68 -23.32 -10.89
N TYR C 211 -29.03 -23.63 -12.00
CA TYR C 211 -27.63 -23.27 -12.20
C TYR C 211 -27.47 -22.59 -13.55
N GLN C 212 -26.49 -21.68 -13.63
CA GLN C 212 -26.27 -20.89 -14.84
C GLN C 212 -24.97 -21.33 -15.51
N SER C 213 -25.00 -21.44 -16.84
CA SER C 213 -23.85 -21.88 -17.60
C SER C 213 -23.43 -20.78 -18.58
N ASN C 214 -22.14 -20.45 -18.59
CA ASN C 214 -21.64 -19.48 -19.57
C ASN C 214 -21.80 -19.99 -21.00
N ARG C 215 -21.56 -21.29 -21.22
CA ARG C 215 -21.54 -21.84 -22.58
C ARG C 215 -22.87 -21.69 -23.30
N LEU C 216 -23.99 -21.89 -22.60
CA LEU C 216 -25.29 -21.85 -23.25
C LEU C 216 -25.39 -20.59 -24.12
N ARG C 217 -26.12 -20.70 -25.24
CA ARG C 217 -26.25 -19.57 -26.15
C ARG C 217 -27.05 -18.44 -25.50
N GLY C 218 -27.25 -17.36 -26.27
CA GLY C 218 -27.97 -16.21 -25.76
C GLY C 218 -29.31 -16.55 -25.17
N GLU C 219 -30.08 -17.39 -25.86
CA GLU C 219 -31.40 -17.80 -25.39
C GLU C 219 -31.45 -19.33 -25.46
N SER C 220 -31.09 -19.98 -24.36
CA SER C 220 -31.10 -21.43 -24.31
C SER C 220 -31.23 -21.86 -22.85
N GLY C 221 -31.76 -23.07 -22.68
CA GLY C 221 -31.93 -23.63 -21.35
C GLY C 221 -32.36 -25.08 -21.46
N VAL C 222 -32.14 -25.80 -20.37
CA VAL C 222 -32.45 -27.23 -20.31
C VAL C 222 -33.01 -27.57 -18.94
N VAL C 223 -33.88 -28.59 -18.92
CA VAL C 223 -34.33 -29.22 -17.69
C VAL C 223 -33.99 -30.69 -17.78
N VAL C 224 -33.34 -31.22 -16.74
CA VAL C 224 -32.86 -32.60 -16.77
C VAL C 224 -33.27 -33.30 -15.49
N SER C 225 -33.55 -34.59 -15.60
CA SER C 225 -33.77 -35.44 -14.44
C SER C 225 -32.42 -35.98 -13.99
N THR C 226 -31.87 -35.42 -12.91
CA THR C 226 -30.48 -35.66 -12.57
C THR C 226 -30.25 -37.04 -11.95
N GLY C 227 -31.31 -37.74 -11.57
CA GLY C 227 -31.15 -39.05 -10.97
C GLY C 227 -30.47 -40.03 -11.90
N ARG C 228 -29.78 -41.00 -11.30
CA ARG C 228 -29.01 -41.99 -12.04
C ARG C 228 -29.98 -42.88 -12.83
N GLU C 229 -29.46 -43.50 -13.88
CA GLU C 229 -30.16 -44.37 -14.84
C GLU C 229 -30.78 -43.48 -15.90
N ASN C 230 -30.55 -42.17 -15.83
CA ASN C 230 -30.90 -41.21 -16.87
C ASN C 230 -29.66 -40.62 -17.49
N MET C 231 -28.70 -40.22 -16.66
CA MET C 231 -27.43 -39.69 -17.12
C MET C 231 -26.36 -40.12 -16.13
N ASP C 232 -25.13 -40.25 -16.62
CA ASP C 232 -23.99 -40.57 -15.76
C ASP C 232 -22.75 -39.87 -16.29
N LEU C 233 -21.80 -39.61 -15.39
CA LEU C 233 -20.50 -39.08 -15.78
C LEU C 233 -19.43 -40.07 -15.37
N ALA C 234 -18.55 -40.42 -16.30
CA ALA C 234 -17.47 -41.36 -16.07
C ALA C 234 -16.21 -40.55 -15.79
N VAL C 235 -15.40 -41.02 -14.84
CA VAL C 235 -14.24 -40.27 -14.41
C VAL C 235 -13.03 -41.19 -14.28
N SER C 236 -12.17 -41.20 -15.29
CA SER C 236 -10.94 -41.97 -15.17
C SER C 236 -9.93 -41.26 -14.29
N MET C 237 -9.79 -39.94 -14.44
CA MET C 237 -8.84 -39.18 -13.64
C MET C 237 -9.27 -37.72 -13.60
N ASP C 238 -9.19 -37.14 -12.41
CA ASP C 238 -9.64 -35.79 -12.09
C ASP C 238 -8.54 -34.79 -12.41
N MET C 239 -8.72 -33.53 -11.97
CA MET C 239 -7.75 -32.47 -12.21
C MET C 239 -6.41 -32.80 -11.54
N VAL C 240 -5.38 -33.03 -12.33
CA VAL C 240 -4.06 -33.37 -11.81
C VAL C 240 -3.02 -32.64 -12.66
N ALA C 241 -1.99 -32.09 -12.01
CA ALA C 241 -1.01 -31.27 -12.69
C ALA C 241 0.27 -32.07 -12.91
N ALA C 242 0.70 -32.16 -14.17
CA ALA C 242 1.82 -33.00 -14.55
C ALA C 242 2.90 -32.14 -15.19
N TYR C 243 4.13 -32.66 -15.23
CA TYR C 243 5.27 -31.94 -15.77
C TYR C 243 5.53 -32.40 -17.20
N LEU C 244 5.46 -31.48 -18.15
CA LEU C 244 5.68 -31.81 -19.56
C LEU C 244 7.14 -31.63 -19.97
N GLY C 245 8.06 -32.24 -19.23
CA GLY C 245 9.46 -32.02 -19.49
C GLY C 245 9.85 -30.57 -19.27
N ALA C 246 10.96 -30.18 -19.91
CA ALA C 246 11.43 -28.79 -19.87
C ALA C 246 12.02 -28.42 -21.22
N SER C 247 11.24 -27.73 -22.05
CA SER C 247 11.74 -27.14 -23.28
C SER C 247 12.02 -25.66 -23.03
N ARG C 248 12.95 -25.10 -23.80
CA ARG C 248 13.22 -23.66 -23.82
C ARG C 248 13.92 -23.19 -22.55
N MET C 249 14.11 -24.08 -21.58
CA MET C 249 14.44 -23.84 -20.17
C MET C 249 13.25 -23.26 -19.42
N ASN C 250 12.12 -23.03 -20.08
CA ASN C 250 10.89 -22.70 -19.40
C ASN C 250 10.19 -23.99 -19.00
N HIS C 251 9.58 -24.00 -17.82
CA HIS C 251 9.03 -25.24 -17.30
C HIS C 251 7.53 -25.30 -17.59
N PRO C 252 7.08 -26.19 -18.49
CA PRO C 252 5.64 -26.29 -18.77
C PRO C 252 4.98 -27.35 -17.91
N PHE C 253 3.75 -27.07 -17.49
CA PHE C 253 2.94 -28.00 -16.75
C PHE C 253 1.57 -28.09 -17.42
N ARG C 254 0.90 -29.22 -17.20
CA ARG C 254 -0.38 -29.46 -17.85
C ARG C 254 -1.36 -30.04 -16.85
N VAL C 255 -2.52 -29.40 -16.74
CA VAL C 255 -3.62 -29.93 -15.94
C VAL C 255 -4.42 -30.91 -16.79
N LEU C 256 -4.65 -32.09 -16.22
CA LEU C 256 -5.32 -33.21 -16.87
C LEU C 256 -6.63 -33.54 -16.17
N GLU C 257 -7.59 -34.00 -16.96
CA GLU C 257 -8.84 -34.57 -16.47
C GLU C 257 -9.38 -35.54 -17.52
N ALA C 258 -9.86 -36.69 -17.06
CA ALA C 258 -10.38 -37.73 -17.94
C ALA C 258 -11.85 -37.97 -17.63
N LEU C 259 -12.73 -37.38 -18.43
CA LEU C 259 -14.17 -37.43 -18.21
C LEU C 259 -14.88 -37.93 -19.46
N LEU C 260 -16.07 -38.50 -19.25
CA LEU C 260 -16.94 -38.83 -20.37
C LEU C 260 -18.39 -38.83 -19.90
N LEU C 261 -19.21 -37.98 -20.51
CA LEU C 261 -20.64 -37.97 -20.23
C LEU C 261 -21.32 -39.10 -21.00
N ARG C 262 -22.17 -39.86 -20.32
CA ARG C 262 -23.00 -40.89 -20.96
C ARG C 262 -24.45 -40.61 -20.61
N ILE C 263 -25.20 -40.13 -21.59
CA ILE C 263 -26.64 -39.89 -21.43
C ILE C 263 -27.33 -41.20 -21.74
N LYS C 264 -27.55 -42.02 -20.70
CA LYS C 264 -28.02 -43.38 -20.91
C LYS C 264 -29.49 -43.39 -21.31
N HIS C 265 -30.27 -42.45 -20.79
CA HIS C 265 -31.68 -42.29 -21.18
C HIS C 265 -31.84 -40.90 -21.79
N PRO C 266 -31.80 -40.78 -23.11
CA PRO C 266 -31.87 -39.45 -23.74
C PRO C 266 -33.23 -38.77 -23.59
N ASP C 267 -34.25 -39.47 -23.10
CA ASP C 267 -35.56 -38.85 -22.92
C ASP C 267 -35.62 -37.98 -21.67
N ALA C 268 -34.61 -38.04 -20.81
CA ALA C 268 -34.63 -37.34 -19.53
C ALA C 268 -34.14 -35.90 -19.62
N ILE C 269 -33.80 -35.42 -20.81
CA ILE C 269 -33.30 -34.08 -21.02
C ILE C 269 -34.26 -33.35 -21.95
N CYS C 270 -34.58 -32.10 -21.61
CA CYS C 270 -35.47 -31.29 -22.43
C CYS C 270 -34.85 -29.92 -22.65
N THR C 271 -34.71 -29.54 -23.92
CA THR C 271 -34.11 -28.27 -24.30
C THR C 271 -35.20 -27.21 -24.53
N LEU C 272 -34.77 -25.96 -24.58
CA LEU C 272 -35.67 -24.86 -24.88
C LEU C 272 -35.26 -24.16 -26.19
N PRO D 2 -22.58 9.16 68.16
CA PRO D 2 -21.25 9.51 68.69
C PRO D 2 -20.33 10.08 67.60
N ASP D 3 -20.34 9.47 66.42
CA ASP D 3 -19.49 9.95 65.33
C ASP D 3 -19.91 11.33 64.86
N PHE D 4 -21.22 11.59 64.80
CA PHE D 4 -21.72 12.88 64.32
C PHE D 4 -21.48 14.01 65.31
N LEU D 5 -21.06 13.72 66.54
CA LEU D 5 -20.75 14.75 67.52
C LEU D 5 -19.52 15.58 67.15
N GLY D 6 -18.70 15.14 66.19
CA GLY D 6 -17.53 15.88 65.81
C GLY D 6 -17.47 16.08 64.30
N HIS D 7 -16.62 17.02 63.89
CA HIS D 7 -16.44 17.33 62.48
C HIS D 7 -15.69 16.19 61.82
N ALA D 8 -16.43 15.27 61.21
CA ALA D 8 -15.88 13.97 60.82
C ALA D 8 -15.06 14.08 59.55
N GLU D 9 -13.93 13.37 59.52
CA GLU D 9 -13.10 13.34 58.32
C GLU D 9 -13.77 12.56 57.21
N ASN D 10 -13.99 11.27 57.43
CA ASN D 10 -14.63 10.36 56.48
C ASN D 10 -15.96 9.90 57.04
N PRO D 11 -17.02 10.69 56.88
CA PRO D 11 -18.31 10.33 57.50
C PRO D 11 -18.86 8.99 57.04
N LEU D 12 -18.73 8.65 55.76
CA LEU D 12 -19.21 7.38 55.25
C LEU D 12 -18.10 6.34 55.26
N ARG D 13 -18.46 5.10 55.55
CA ARG D 13 -17.51 4.01 55.46
C ARG D 13 -17.45 3.49 54.03
N GLU D 14 -16.64 2.45 53.81
CA GLU D 14 -16.36 1.99 52.46
C GLU D 14 -17.60 1.46 51.75
N GLU D 15 -18.56 0.90 52.48
CA GLU D 15 -19.77 0.38 51.85
C GLU D 15 -20.56 1.47 51.14
N GLU D 16 -20.89 2.55 51.85
CA GLU D 16 -21.68 3.60 51.20
C GLU D 16 -20.84 4.42 50.24
N TRP D 17 -19.52 4.52 50.48
CA TRP D 17 -18.65 5.14 49.49
C TRP D 17 -18.71 4.40 48.17
N ALA D 18 -18.61 3.07 48.22
CA ALA D 18 -18.81 2.25 47.04
C ALA D 18 -20.18 2.54 46.43
N ARG D 19 -21.24 2.34 47.21
CA ARG D 19 -22.60 2.51 46.68
C ARG D 19 -22.76 3.85 45.96
N LEU D 20 -22.18 4.90 46.52
CA LEU D 20 -22.16 6.20 45.86
C LEU D 20 -21.41 6.13 44.53
N ASN D 21 -20.28 5.41 44.50
CA ASN D 21 -19.50 5.32 43.27
C ASN D 21 -20.27 4.61 42.15
N GLU D 22 -20.87 3.46 42.46
CA GLU D 22 -21.71 2.83 41.43
C GLU D 22 -22.89 3.70 41.04
N THR D 23 -23.55 4.34 42.02
CA THR D 23 -24.67 5.21 41.70
C THR D 23 -24.27 6.28 40.68
N VAL D 24 -23.19 7.00 40.96
CA VAL D 24 -22.77 8.09 40.07
C VAL D 24 -22.34 7.52 38.72
N ILE D 25 -21.64 6.38 38.72
CA ILE D 25 -21.09 5.89 37.46
C ILE D 25 -22.22 5.41 36.55
N GLN D 26 -23.23 4.72 37.10
CA GLN D 26 -24.35 4.29 36.24
C GLN D 26 -25.18 5.49 35.80
N VAL D 27 -25.46 6.45 36.70
CA VAL D 27 -26.32 7.56 36.29
C VAL D 27 -25.64 8.27 35.14
N ALA D 28 -24.35 8.60 35.31
CA ALA D 28 -23.64 9.34 34.28
C ALA D 28 -23.59 8.51 33.00
N ARG D 29 -23.38 7.20 33.13
CA ARG D 29 -23.18 6.38 31.93
C ARG D 29 -24.45 6.40 31.07
N ARG D 30 -25.62 6.27 31.70
CA ARG D 30 -26.86 6.43 30.92
C ARG D 30 -27.03 7.86 30.41
N SER D 31 -26.74 8.84 31.27
CA SER D 31 -26.95 10.25 30.94
C SER D 31 -26.08 10.76 29.79
N LEU D 32 -24.80 10.36 29.75
CA LEU D 32 -23.88 10.99 28.81
C LEU D 32 -24.26 10.73 27.36
N VAL D 33 -24.12 11.78 26.54
CA VAL D 33 -24.33 11.71 25.10
C VAL D 33 -23.12 12.28 24.37
N GLY D 34 -22.23 12.95 25.11
CA GLY D 34 -21.02 13.47 24.50
C GLY D 34 -19.86 12.51 24.33
N ARG D 35 -19.60 11.66 25.33
CA ARG D 35 -18.46 10.74 25.24
C ARG D 35 -18.63 9.78 24.08
N ARG D 36 -19.88 9.37 23.82
CA ARG D 36 -20.16 8.40 22.77
C ARG D 36 -19.72 8.90 21.40
N ILE D 37 -19.87 10.20 21.15
CA ILE D 37 -19.40 10.81 19.92
C ILE D 37 -17.88 10.76 19.78
N LEU D 38 -17.14 11.02 20.85
CA LEU D 38 -15.69 11.18 20.67
C LEU D 38 -14.88 10.37 21.66
N ASP D 39 -13.73 9.90 21.19
CA ASP D 39 -12.83 9.14 22.05
C ASP D 39 -12.17 10.06 23.08
N ILE D 40 -12.10 9.58 24.31
CA ILE D 40 -11.40 10.30 25.37
C ILE D 40 -9.89 10.12 25.24
N TYR D 41 -9.15 11.10 25.74
CA TYR D 41 -7.70 10.98 25.86
C TYR D 41 -7.45 10.39 27.24
N GLY D 42 -6.45 9.51 27.35
CA GLY D 42 -6.24 8.76 28.56
C GLY D 42 -6.07 9.60 29.81
N PRO D 43 -6.30 8.99 30.97
CA PRO D 43 -6.28 9.75 32.24
C PRO D 43 -4.91 10.32 32.59
N LEU D 44 -4.80 11.64 32.56
CA LEU D 44 -3.51 12.29 32.83
C LEU D 44 -3.19 12.28 34.31
N GLY D 45 -4.18 12.57 35.15
CA GLY D 45 -3.99 12.70 36.58
C GLY D 45 -4.53 14.02 37.09
N ALA D 46 -4.60 14.10 38.43
CA ALA D 46 -5.13 15.32 39.05
C ALA D 46 -4.19 16.50 38.87
N GLY D 47 -2.88 16.24 38.82
CA GLY D 47 -1.92 17.34 38.76
C GLY D 47 -1.98 18.12 37.46
N VAL D 48 -2.22 17.43 36.35
CA VAL D 48 -2.16 18.06 35.04
C VAL D 48 -3.30 19.06 34.90
N GLN D 49 -2.96 20.29 34.50
CA GLN D 49 -3.95 21.34 34.29
C GLN D 49 -3.89 21.97 32.91
N THR D 50 -2.82 21.77 32.15
CA THR D 50 -2.69 22.33 30.81
C THR D 50 -2.29 21.23 29.84
N VAL D 51 -2.86 21.27 28.65
CA VAL D 51 -2.54 20.30 27.59
C VAL D 51 -2.30 21.05 26.29
N PRO D 52 -1.49 20.51 25.37
CA PRO D 52 -1.22 21.23 24.12
C PRO D 52 -2.43 21.28 23.20
N TYR D 53 -2.95 22.47 22.97
CA TYR D 53 -4.05 22.66 22.03
C TYR D 53 -3.48 22.77 20.63
N ASP D 54 -3.81 21.81 19.77
CA ASP D 54 -3.23 21.70 18.44
C ASP D 54 -4.20 22.20 17.38
N GLU D 55 -3.67 22.88 16.37
CA GLU D 55 -4.42 23.29 15.19
C GLU D 55 -3.67 22.82 13.96
N PHE D 56 -4.41 22.32 12.97
CA PHE D 56 -3.82 21.71 11.78
C PHE D 56 -4.53 22.16 10.53
N GLN D 57 -4.79 23.46 10.42
CA GLN D 57 -5.45 24.00 9.23
C GLN D 57 -4.63 23.68 7.99
N GLY D 58 -5.32 23.29 6.92
CA GLY D 58 -4.67 22.79 5.73
C GLY D 58 -4.68 21.27 5.69
N VAL D 59 -4.58 20.74 4.47
CA VAL D 59 -4.69 19.30 4.25
C VAL D 59 -3.41 18.80 3.58
N SER D 60 -2.86 17.71 4.12
CA SER D 60 -1.72 17.00 3.54
C SER D 60 -2.12 15.54 3.46
N PRO D 61 -2.89 15.16 2.43
CA PRO D 61 -3.52 13.83 2.42
C PRO D 61 -2.55 12.67 2.45
N GLY D 62 -1.29 12.88 2.10
CA GLY D 62 -0.30 11.83 2.06
C GLY D 62 0.41 11.82 0.73
N ALA D 63 1.24 10.80 0.53
CA ALA D 63 2.06 10.73 -0.66
C ALA D 63 2.09 9.32 -1.22
N VAL D 64 2.25 9.23 -2.53
CA VAL D 64 2.52 7.98 -3.23
C VAL D 64 3.80 8.18 -4.02
N ASP D 65 4.76 7.27 -3.87
CA ASP D 65 6.04 7.46 -4.50
C ASP D 65 6.79 6.14 -4.57
N ILE D 66 7.64 6.01 -5.59
CA ILE D 66 8.55 4.87 -5.66
C ILE D 66 9.61 4.99 -4.57
N VAL D 67 10.06 6.21 -4.30
CA VAL D 67 11.27 6.47 -3.52
C VAL D 67 10.99 7.26 -2.26
N GLY D 68 9.74 7.68 -2.03
CA GLY D 68 9.37 8.35 -0.81
C GLY D 68 10.05 9.69 -0.58
N GLU D 69 10.02 10.57 -1.58
CA GLU D 69 10.69 11.85 -1.53
C GLU D 69 9.75 13.03 -1.37
N GLN D 70 8.43 12.80 -1.36
CA GLN D 70 7.48 13.91 -1.27
C GLN D 70 7.70 14.74 -0.01
N GLU D 71 8.06 14.09 1.10
CA GLU D 71 8.43 14.75 2.36
C GLU D 71 7.22 15.36 3.08
N THR D 72 6.00 14.92 2.76
CA THR D 72 4.83 15.53 3.35
C THR D 72 4.79 15.31 4.86
N ALA D 73 4.35 16.33 5.60
CA ALA D 73 4.24 16.28 7.05
C ALA D 73 3.52 17.51 7.58
N MET D 74 2.52 17.30 8.45
CA MET D 74 1.79 18.43 9.01
C MET D 74 2.75 19.40 9.69
N VAL D 75 2.40 20.68 9.62
CA VAL D 75 3.21 21.74 10.22
C VAL D 75 2.58 22.15 11.55
N PHE D 76 3.39 22.18 12.60
CA PHE D 76 2.94 22.78 13.86
C PHE D 76 2.57 24.24 13.65
N THR D 77 1.53 24.67 14.35
CA THR D 77 1.18 26.08 14.38
C THR D 77 2.35 26.90 14.94
N ASP D 78 2.46 28.14 14.46
CA ASP D 78 3.60 28.98 14.80
C ASP D 78 3.77 29.14 16.32
N ALA D 79 2.66 29.13 17.06
CA ALA D 79 2.71 29.21 18.52
C ALA D 79 1.73 28.20 19.09
N ARG D 80 2.25 27.21 19.82
CA ARG D 80 1.39 26.29 20.56
C ARG D 80 0.67 27.04 21.66
N LYS D 81 -0.65 26.81 21.78
CA LYS D 81 -1.48 27.60 22.65
C LYS D 81 -1.63 27.03 24.05
N PHE D 82 -1.50 25.71 24.20
CA PHE D 82 -1.52 25.05 25.51
C PHE D 82 -2.73 25.47 26.34
N LYS D 83 -3.91 25.12 25.83
CA LYS D 83 -5.15 25.45 26.51
C LYS D 83 -5.24 24.71 27.84
N THR D 84 -5.80 25.38 28.84
CA THR D 84 -5.90 24.85 30.19
C THR D 84 -7.17 24.02 30.36
N ILE D 85 -7.12 23.13 31.36
CA ILE D 85 -8.18 22.15 31.58
C ILE D 85 -9.15 22.70 32.62
N PRO D 86 -10.41 22.93 32.26
CA PRO D 86 -11.38 23.43 33.23
C PRO D 86 -11.85 22.32 34.17
N ILE D 87 -12.78 22.68 35.05
CA ILE D 87 -13.36 21.76 36.03
C ILE D 87 -14.87 21.82 35.91
N ILE D 88 -15.50 20.65 35.80
CA ILE D 88 -16.96 20.52 35.78
C ILE D 88 -17.39 19.84 37.07
N TYR D 89 -18.35 20.45 37.77
CA TYR D 89 -18.68 19.98 39.10
C TYR D 89 -20.12 20.34 39.44
N LYS D 90 -20.64 19.66 40.47
CA LYS D 90 -21.93 19.98 41.06
C LYS D 90 -21.88 19.58 42.53
N ASP D 91 -22.81 20.10 43.31
CA ASP D 91 -22.82 19.87 44.74
C ASP D 91 -24.17 19.30 45.20
N PHE D 92 -24.13 18.43 46.19
CA PHE D 92 -25.33 17.87 46.80
C PHE D 92 -25.11 17.66 48.29
N LEU D 93 -26.18 17.83 49.06
CA LEU D 93 -26.13 17.62 50.50
C LEU D 93 -26.55 16.21 50.87
N LEU D 94 -25.99 15.71 51.97
CA LEU D 94 -26.47 14.52 52.67
C LEU D 94 -26.70 14.87 54.13
N HIS D 95 -27.86 14.50 54.64
CA HIS D 95 -28.23 14.82 56.01
C HIS D 95 -27.56 13.84 56.97
N TRP D 96 -27.05 14.37 58.08
CA TRP D 96 -26.40 13.52 59.09
C TRP D 96 -27.38 12.55 59.71
N ARG D 97 -28.62 12.98 59.95
CA ARG D 97 -29.64 12.06 60.44
C ARG D 97 -29.90 10.94 59.46
N ASP D 98 -29.87 11.24 58.16
CA ASP D 98 -30.02 10.19 57.15
C ASP D 98 -28.88 9.18 57.24
N ILE D 99 -27.65 9.66 57.41
CA ILE D 99 -26.49 8.77 57.50
C ILE D 99 -26.63 7.86 58.71
N GLU D 100 -26.95 8.44 59.88
CA GLU D 100 -27.07 7.62 61.08
C GLU D 100 -28.26 6.67 61.00
N ALA D 101 -29.35 7.09 60.35
CA ALA D 101 -30.50 6.21 60.17
C ALA D 101 -30.14 5.02 59.30
N ALA D 102 -29.41 5.26 58.21
CA ALA D 102 -28.95 4.16 57.38
C ALA D 102 -28.03 3.24 58.17
N ARG D 103 -27.12 3.82 58.96
CA ARG D 103 -26.19 3.00 59.73
C ARG D 103 -26.92 2.10 60.73
N THR D 104 -27.91 2.65 61.44
CA THR D 104 -28.59 1.86 62.46
C THR D 104 -29.63 0.90 61.86
N HIS D 105 -30.25 1.26 60.75
CA HIS D 105 -31.22 0.40 60.09
C HIS D 105 -30.57 -0.75 59.32
N ASN D 106 -29.29 -0.63 58.98
CA ASN D 106 -28.61 -1.59 58.11
C ASN D 106 -29.33 -1.69 56.77
N MET D 107 -29.70 -0.55 56.22
CA MET D 107 -30.42 -0.44 54.96
C MET D 107 -29.59 0.38 53.97
N PRO D 108 -29.85 0.24 52.67
CA PRO D 108 -29.14 1.07 51.69
C PRO D 108 -29.39 2.55 51.92
N LEU D 109 -28.35 3.35 51.69
CA LEU D 109 -28.42 4.78 51.93
C LEU D 109 -29.09 5.47 50.74
N ASP D 110 -29.78 6.58 51.02
CA ASP D 110 -30.51 7.31 49.99
C ASP D 110 -29.57 8.27 49.28
N VAL D 111 -29.38 8.06 47.97
CA VAL D 111 -28.40 8.80 47.19
C VAL D 111 -29.09 9.51 46.02
N SER D 112 -30.37 9.87 46.21
CA SER D 112 -31.10 10.55 45.15
C SER D 112 -30.48 11.90 44.83
N ALA D 113 -30.06 12.65 45.85
CA ALA D 113 -29.41 13.93 45.63
C ALA D 113 -28.12 13.77 44.84
N ALA D 114 -27.36 12.72 45.14
CA ALA D 114 -26.14 12.43 44.40
C ALA D 114 -26.43 12.12 42.94
N ALA D 115 -27.46 11.31 42.68
CA ALA D 115 -27.82 11.01 41.30
C ALA D 115 -28.24 12.26 40.54
N GLY D 116 -29.02 13.12 41.19
CA GLY D 116 -29.42 14.36 40.54
C GLY D 116 -28.23 15.27 40.24
N ALA D 117 -27.32 15.39 41.21
CA ALA D 117 -26.13 16.21 41.01
C ALA D 117 -25.28 15.66 39.87
N ALA D 118 -25.12 14.33 39.80
CA ALA D 118 -24.32 13.74 38.75
C ALA D 118 -24.97 13.93 37.38
N ALA D 119 -26.30 13.82 37.31
CA ALA D 119 -26.99 14.06 36.05
C ALA D 119 -26.81 15.50 35.60
N LEU D 120 -26.94 16.45 36.54
CA LEU D 120 -26.75 17.86 36.18
C LEU D 120 -25.31 18.12 35.74
N CYS D 121 -24.33 17.50 36.41
CA CYS D 121 -22.93 17.69 36.02
C CYS D 121 -22.67 17.11 34.63
N ALA D 122 -23.26 15.96 34.32
CA ALA D 122 -23.11 15.40 32.97
C ALA D 122 -23.76 16.29 31.93
N GLN D 123 -24.94 16.84 32.25
CA GLN D 123 -25.58 17.77 31.32
C GLN D 123 -24.72 19.00 31.08
N GLN D 124 -24.10 19.53 32.15
CA GLN D 124 -23.21 20.68 31.99
C GLN D 124 -21.98 20.30 31.17
N GLU D 125 -21.50 19.07 31.32
CA GLU D 125 -20.40 18.58 30.49
C GLU D 125 -20.81 18.58 29.02
N ASP D 126 -22.03 18.11 28.73
CA ASP D 126 -22.51 18.12 27.35
C ASP D 126 -22.62 19.55 26.83
N GLU D 127 -23.06 20.48 27.68
CA GLU D 127 -23.12 21.89 27.27
C GLU D 127 -21.73 22.42 26.93
N LEU D 128 -20.74 22.09 27.76
CA LEU D 128 -19.37 22.53 27.50
C LEU D 128 -18.85 21.93 26.19
N ILE D 129 -19.14 20.65 25.95
CA ILE D 129 -18.65 20.00 24.75
C ILE D 129 -19.27 20.62 23.50
N PHE D 130 -20.59 20.80 23.51
CA PHE D 130 -21.29 21.27 22.31
C PHE D 130 -21.31 22.78 22.18
N TYR D 131 -20.93 23.52 23.22
CA TYR D 131 -20.94 24.97 23.15
C TYR D 131 -19.81 25.51 24.02
N GLY D 132 -19.12 26.52 23.49
CA GLY D 132 -18.02 27.11 24.24
C GLY D 132 -18.50 27.85 25.46
N ASP D 133 -17.61 27.93 26.46
CA ASP D 133 -17.94 28.62 27.70
C ASP D 133 -18.15 30.12 27.46
N ALA D 134 -17.34 30.71 26.58
CA ALA D 134 -17.45 32.09 26.12
C ALA D 134 -17.02 33.09 27.18
N ARG D 135 -16.78 32.62 28.41
CA ARG D 135 -16.06 33.40 29.41
C ARG D 135 -14.65 32.88 29.62
N LEU D 136 -14.48 31.56 29.66
CA LEU D 136 -13.15 30.96 29.73
C LEU D 136 -12.38 31.12 28.43
N GLY D 137 -13.07 31.35 27.31
CA GLY D 137 -12.45 31.40 26.01
C GLY D 137 -12.38 30.09 25.27
N TYR D 138 -13.00 29.04 25.80
CA TYR D 138 -12.97 27.73 25.15
C TYR D 138 -13.81 27.73 23.88
N GLU D 139 -13.48 26.81 22.98
CA GLU D 139 -14.07 26.75 21.65
C GLU D 139 -14.92 25.50 21.55
N GLY D 140 -16.19 25.68 21.19
CA GLY D 140 -17.14 24.60 21.12
C GLY D 140 -17.40 24.13 19.69
N LEU D 141 -18.19 23.05 19.59
CA LEU D 141 -18.52 22.51 18.27
C LEU D 141 -19.37 23.48 17.46
N MET D 142 -20.20 24.28 18.12
CA MET D 142 -21.04 25.26 17.43
C MET D 142 -20.40 26.63 17.34
N THR D 143 -19.25 26.83 17.98
CA THR D 143 -18.55 28.11 17.93
C THR D 143 -17.20 28.01 17.24
N ALA D 144 -16.84 26.83 16.74
CA ALA D 144 -15.54 26.65 16.10
C ALA D 144 -15.45 27.47 14.82
N ASN D 145 -14.24 27.95 14.53
CA ASN D 145 -13.97 28.66 13.29
C ASN D 145 -13.82 27.67 12.15
N GLY D 146 -14.55 27.90 11.06
CA GLY D 146 -14.58 26.94 9.98
C GLY D 146 -15.49 25.77 10.27
N ARG D 147 -16.76 26.07 10.57
CA ARG D 147 -17.72 25.04 10.91
C ARG D 147 -18.28 24.30 9.70
N LEU D 148 -17.99 24.78 8.48
CA LEU D 148 -18.52 24.21 7.25
C LEU D 148 -20.06 24.22 7.23
N THR D 149 -20.63 25.41 7.42
CA THR D 149 -22.08 25.52 7.50
C THR D 149 -22.72 25.06 6.19
N VAL D 150 -23.66 24.13 6.29
CA VAL D 150 -24.43 23.67 5.13
C VAL D 150 -25.84 24.22 5.25
N PRO D 151 -26.35 24.94 4.25
CA PRO D 151 -27.69 25.52 4.36
C PRO D 151 -28.73 24.43 4.51
N LEU D 152 -29.78 24.74 5.27
CA LEU D 152 -30.88 23.81 5.48
C LEU D 152 -32.14 24.38 4.84
N GLY D 153 -32.47 23.89 3.65
CA GLY D 153 -33.62 24.40 2.93
C GLY D 153 -34.83 23.63 3.41
N ASP D 154 -35.73 23.22 2.52
CA ASP D 154 -36.83 22.36 2.95
C ASP D 154 -36.25 21.18 3.72
N TRP D 155 -36.95 20.74 4.75
CA TRP D 155 -36.41 19.70 5.59
C TRP D 155 -37.40 18.57 5.92
N THR D 156 -38.68 18.72 5.62
CA THR D 156 -39.67 17.76 6.09
C THR D 156 -40.01 16.70 5.06
N SER D 157 -39.81 16.97 3.78
CA SER D 157 -39.98 15.94 2.79
C SER D 157 -38.95 14.84 3.05
N PRO D 158 -39.29 13.57 2.85
CA PRO D 158 -38.37 12.49 3.27
C PRO D 158 -37.00 12.56 2.61
N GLY D 159 -36.94 12.93 1.33
CA GLY D 159 -35.66 13.04 0.67
C GLY D 159 -34.75 14.08 1.29
N GLY D 160 -35.32 15.20 1.73
CA GLY D 160 -34.52 16.32 2.18
C GLY D 160 -33.64 16.00 3.37
N GLY D 161 -34.17 15.24 4.33
CA GLY D 161 -33.39 14.97 5.53
C GLY D 161 -32.13 14.21 5.20
N PHE D 162 -32.25 13.19 4.34
CA PHE D 162 -31.09 12.39 3.98
C PHE D 162 -30.16 13.21 3.10
N GLN D 163 -30.75 14.07 2.26
CA GLN D 163 -29.97 14.87 1.32
C GLN D 163 -29.04 15.82 2.07
N ALA D 164 -29.54 16.42 3.15
CA ALA D 164 -28.73 17.40 3.88
C ALA D 164 -27.51 16.72 4.48
N ILE D 165 -27.70 15.53 5.06
CA ILE D 165 -26.57 14.77 5.59
C ILE D 165 -25.61 14.40 4.48
N VAL D 166 -26.15 14.02 3.32
CA VAL D 166 -25.31 13.73 2.16
C VAL D 166 -24.43 14.94 1.85
N GLU D 167 -25.06 16.09 1.59
CA GLU D 167 -24.33 17.31 1.24
C GLU D 167 -23.27 17.64 2.28
N ALA D 168 -23.58 17.47 3.57
CA ALA D 168 -22.56 17.67 4.60
C ALA D 168 -21.41 16.68 4.45
N THR D 169 -21.73 15.43 4.11
CA THR D 169 -20.68 14.45 3.84
C THR D 169 -19.80 14.91 2.67
N ARG D 170 -20.43 15.44 1.63
CA ARG D 170 -19.68 15.91 0.46
C ARG D 170 -18.77 17.07 0.83
N LYS D 171 -19.26 17.97 1.69
CA LYS D 171 -18.42 19.08 2.14
C LYS D 171 -17.20 18.55 2.90
N LEU D 172 -17.43 17.58 3.79
CA LEU D 172 -16.30 16.94 4.48
C LEU D 172 -15.37 16.27 3.49
N ASN D 173 -15.92 15.67 2.43
CA ASN D 173 -15.09 15.01 1.42
C ASN D 173 -14.17 16.01 0.75
N GLU D 174 -14.74 17.12 0.24
CA GLU D 174 -13.94 18.11 -0.47
C GLU D 174 -13.00 18.84 0.47
N GLN D 175 -13.27 18.87 1.77
CA GLN D 175 -12.33 19.43 2.72
C GLN D 175 -11.28 18.45 3.18
N GLY D 176 -11.43 17.16 2.88
CA GLY D 176 -10.35 16.20 3.03
C GLY D 176 -10.61 15.07 4.00
N HIS D 177 -11.64 15.12 4.82
CA HIS D 177 -11.93 14.07 5.79
C HIS D 177 -12.83 13.01 5.17
N PHE D 178 -12.35 11.77 5.13
CA PHE D 178 -13.15 10.65 4.66
C PHE D 178 -13.49 9.66 5.77
N GLY D 179 -13.02 9.89 6.99
CA GLY D 179 -13.22 8.98 8.08
C GLY D 179 -14.67 8.76 8.45
N PRO D 180 -14.91 7.83 9.39
CA PRO D 180 -16.28 7.56 9.82
C PRO D 180 -16.95 8.80 10.39
N TYR D 181 -18.25 8.91 10.16
CA TYR D 181 -19.04 10.07 10.53
C TYR D 181 -19.90 9.78 11.74
N ALA D 182 -20.00 10.75 12.65
CA ALA D 182 -20.89 10.70 13.80
C ALA D 182 -21.84 11.89 13.69
N VAL D 183 -23.13 11.64 13.89
CA VAL D 183 -24.15 12.65 13.69
C VAL D 183 -24.82 12.93 15.04
N VAL D 184 -24.88 14.21 15.41
CA VAL D 184 -25.55 14.64 16.63
C VAL D 184 -26.64 15.63 16.24
N LEU D 185 -27.85 15.40 16.73
CA LEU D 185 -29.02 16.10 16.26
C LEU D 185 -29.77 16.70 17.44
N SER D 186 -30.46 17.81 17.19
CA SER D 186 -31.32 18.40 18.19
C SER D 186 -32.54 17.52 18.41
N PRO D 187 -33.16 17.58 19.60
CA PRO D 187 -34.28 16.68 19.88
C PRO D 187 -35.44 16.83 18.91
N ARG D 188 -35.72 18.06 18.48
CA ARG D 188 -36.85 18.31 17.60
C ARG D 188 -36.69 17.57 16.28
N LEU D 189 -35.65 17.90 15.53
CA LEU D 189 -35.45 17.23 14.25
C LEU D 189 -35.04 15.78 14.41
N TYR D 190 -34.51 15.38 15.58
CA TYR D 190 -34.20 13.97 15.78
C TYR D 190 -35.48 13.15 15.87
N SER D 191 -36.44 13.60 16.69
CA SER D 191 -37.71 12.91 16.76
C SER D 191 -38.42 12.97 15.41
N GLN D 192 -38.35 14.12 14.74
CA GLN D 192 -39.04 14.31 13.47
C GLN D 192 -38.52 13.35 12.41
N LEU D 193 -37.21 13.06 12.42
CA LEU D 193 -36.62 12.23 11.36
C LEU D 193 -37.15 10.81 11.33
N HIS D 194 -37.82 10.36 12.39
CA HIS D 194 -38.29 8.97 12.47
C HIS D 194 -39.57 8.73 11.66
N ARG D 195 -40.10 9.75 11.01
CA ARG D 195 -41.38 9.62 10.31
C ARG D 195 -41.31 8.56 9.21
N GLY D 196 -40.27 8.59 8.38
CA GLY D 196 -40.18 7.69 7.26
C GLY D 196 -39.16 6.58 7.38
N GLY D 197 -38.74 6.25 8.60
CA GLY D 197 -37.68 5.27 8.74
C GLY D 197 -36.31 5.79 8.38
N GLU D 198 -36.20 7.09 8.12
CA GLU D 198 -34.95 7.69 7.66
C GLU D 198 -33.82 7.55 8.66
N ILE D 199 -34.15 7.39 9.95
CA ILE D 199 -33.10 7.37 10.98
C ILE D 199 -32.13 6.22 10.73
N GLU D 200 -32.65 5.05 10.35
CA GLU D 200 -31.77 3.91 10.13
C GLU D 200 -30.81 4.18 8.98
N THR D 201 -31.31 4.80 7.90
CA THR D 201 -30.45 5.16 6.78
C THR D 201 -29.38 6.15 7.20
N ILE D 202 -29.74 7.15 8.01
CA ILE D 202 -28.73 8.09 8.50
C ILE D 202 -27.71 7.35 9.35
N ARG D 203 -28.16 6.40 10.18
CA ARG D 203 -27.25 5.68 11.05
C ARG D 203 -26.26 4.89 10.21
N GLN D 204 -26.75 4.27 9.15
CA GLN D 204 -25.89 3.47 8.29
C GLN D 204 -24.89 4.36 7.56
N LEU D 205 -25.32 5.53 7.11
CA LEU D 205 -24.40 6.45 6.45
C LEU D 205 -23.33 6.89 7.43
N ALA D 206 -23.70 7.13 8.68
CA ALA D 206 -22.73 7.56 9.69
C ALA D 206 -21.74 6.44 10.00
N SER D 207 -22.26 5.22 10.19
CA SER D 207 -21.49 4.04 10.56
C SER D 207 -20.84 4.14 11.94
N ASP D 208 -21.13 5.20 12.70
CA ASP D 208 -20.66 5.26 14.08
C ASP D 208 -21.73 5.70 15.07
N GLY D 209 -22.90 6.14 14.63
CA GLY D 209 -23.96 6.47 15.56
C GLY D 209 -24.62 7.81 15.30
N VAL D 210 -25.94 7.82 15.29
CA VAL D 210 -26.74 9.04 15.26
C VAL D 210 -27.42 9.18 16.60
N TYR D 211 -27.02 10.18 17.39
CA TYR D 211 -27.53 10.39 18.73
C TYR D 211 -28.21 11.75 18.82
N GLN D 212 -28.91 11.95 19.94
CA GLN D 212 -29.64 13.17 20.21
C GLN D 212 -29.18 13.83 21.49
N SER D 213 -29.05 15.16 21.47
CA SER D 213 -28.69 15.94 22.64
C SER D 213 -29.77 16.97 22.92
N ASN D 214 -30.22 17.05 24.17
CA ASN D 214 -31.18 18.07 24.57
C ASN D 214 -30.62 19.49 24.43
N ARG D 215 -29.33 19.66 24.74
CA ARG D 215 -28.72 20.99 24.78
C ARG D 215 -28.75 21.72 23.44
N LEU D 216 -28.70 21.00 22.33
CA LEU D 216 -28.83 21.66 21.04
C LEU D 216 -30.20 22.34 20.95
N ARG D 217 -30.21 23.59 20.49
CA ARG D 217 -31.42 24.41 20.47
C ARG D 217 -31.80 24.76 19.03
N GLY D 218 -33.06 24.53 18.69
CA GLY D 218 -33.56 24.76 17.35
C GLY D 218 -33.05 23.62 16.49
N GLU D 219 -33.13 23.79 15.17
CA GLU D 219 -32.52 22.77 14.32
C GLU D 219 -31.01 22.79 14.56
N SER D 220 -30.42 21.62 14.75
CA SER D 220 -28.99 21.59 15.02
C SER D 220 -28.41 20.21 14.69
N GLY D 221 -27.85 20.07 13.48
CA GLY D 221 -27.22 18.80 13.18
C GLY D 221 -25.74 19.00 12.94
N VAL D 222 -24.89 18.25 13.64
CA VAL D 222 -23.45 18.28 13.41
C VAL D 222 -22.97 16.90 12.98
N VAL D 223 -22.19 16.86 11.89
CA VAL D 223 -21.55 15.64 11.44
C VAL D 223 -20.06 15.81 11.70
N VAL D 224 -19.47 14.87 12.43
CA VAL D 224 -18.09 15.00 12.87
C VAL D 224 -17.32 13.70 12.64
N SER D 225 -16.20 13.79 11.94
CA SER D 225 -15.34 12.62 11.79
C SER D 225 -14.89 12.16 13.18
N THR D 226 -15.23 10.92 13.55
CA THR D 226 -14.96 10.48 14.92
C THR D 226 -13.46 10.43 15.23
N GLY D 227 -12.65 10.05 14.24
CA GLY D 227 -11.23 9.82 14.38
C GLY D 227 -10.39 10.74 15.24
N ARG D 228 -9.36 10.17 15.87
CA ARG D 228 -8.39 10.96 16.63
C ARG D 228 -7.54 11.78 15.66
N GLU D 229 -7.04 12.91 16.16
CA GLU D 229 -6.29 13.95 15.46
C GLU D 229 -7.29 14.92 14.82
N ASN D 230 -8.58 14.75 15.07
CA ASN D 230 -9.56 15.73 14.63
C ASN D 230 -10.31 16.37 15.79
N MET D 231 -10.55 15.62 16.87
CA MET D 231 -11.18 16.08 18.10
C MET D 231 -10.81 15.08 19.19
N ASP D 232 -10.67 15.59 20.40
CA ASP D 232 -10.25 14.75 21.52
C ASP D 232 -10.82 15.29 22.82
N LEU D 233 -10.91 14.42 23.82
CA LEU D 233 -11.35 14.79 25.16
C LEU D 233 -10.24 14.40 26.13
N ALA D 234 -9.52 15.39 26.64
CA ALA D 234 -8.52 15.16 27.68
C ALA D 234 -9.20 15.07 29.03
N VAL D 235 -8.98 13.97 29.75
CA VAL D 235 -9.54 13.75 31.07
C VAL D 235 -8.38 13.82 32.07
N SER D 236 -8.42 14.84 32.94
CA SER D 236 -7.46 14.87 34.03
C SER D 236 -7.90 13.98 35.17
N MET D 237 -9.19 14.01 35.50
CA MET D 237 -9.75 13.12 36.50
C MET D 237 -11.22 12.93 36.16
N ASP D 238 -11.70 11.72 36.36
CA ASP D 238 -13.03 11.33 35.91
C ASP D 238 -14.09 11.68 36.95
N MET D 239 -15.33 11.20 36.73
CA MET D 239 -16.42 11.43 37.65
C MET D 239 -16.10 10.82 39.01
N VAL D 240 -16.01 11.67 40.03
CA VAL D 240 -15.72 11.25 41.39
C VAL D 240 -16.63 12.03 42.33
N ALA D 241 -16.66 11.60 43.58
CA ALA D 241 -17.39 12.30 44.63
C ALA D 241 -16.41 12.68 45.72
N ALA D 242 -16.39 13.96 46.09
CA ALA D 242 -15.49 14.46 47.10
C ALA D 242 -16.28 15.09 48.24
N TYR D 243 -15.65 15.16 49.41
CA TYR D 243 -16.29 15.63 50.63
C TYR D 243 -15.87 17.07 50.90
N LEU D 244 -16.83 17.98 50.87
CA LEU D 244 -16.56 19.41 51.02
C LEU D 244 -16.66 19.87 52.48
N GLY D 245 -15.99 19.17 53.38
CA GLY D 245 -16.14 19.50 54.79
C GLY D 245 -17.58 19.28 55.26
N ALA D 246 -17.92 19.98 56.33
CA ALA D 246 -19.27 19.93 56.88
C ALA D 246 -19.67 21.30 57.40
N SER D 247 -20.94 21.66 57.17
CA SER D 247 -21.50 22.91 57.66
C SER D 247 -22.92 22.66 58.13
N ARG D 248 -23.28 23.24 59.27
CA ARG D 248 -24.59 23.07 59.88
C ARG D 248 -24.88 21.60 60.20
N MET D 249 -23.83 20.84 60.51
CA MET D 249 -23.91 19.44 60.90
C MET D 249 -24.25 18.52 59.73
N ASN D 250 -24.54 19.09 58.56
CA ASN D 250 -24.84 18.27 57.39
C ASN D 250 -23.53 17.89 56.70
N HIS D 251 -23.63 17.24 55.54
CA HIS D 251 -22.45 16.81 54.80
C HIS D 251 -22.59 17.20 53.34
N PRO D 252 -21.94 18.27 52.90
CA PRO D 252 -21.94 18.59 51.47
C PRO D 252 -20.90 17.77 50.73
N PHE D 253 -21.24 17.40 49.50
CA PHE D 253 -20.34 16.66 48.63
C PHE D 253 -20.37 17.29 47.25
N ARG D 254 -19.34 16.99 46.47
CA ARG D 254 -19.20 17.54 45.12
C ARG D 254 -18.91 16.40 44.14
N VAL D 255 -19.80 16.22 43.18
CA VAL D 255 -19.50 15.38 42.01
C VAL D 255 -18.59 16.18 41.08
N LEU D 256 -17.49 15.56 40.68
CA LEU D 256 -16.32 16.25 40.14
C LEU D 256 -15.83 15.54 38.88
N GLU D 257 -15.37 16.32 37.91
CA GLU D 257 -14.66 15.77 36.77
C GLU D 257 -13.87 16.89 36.11
N ALA D 258 -12.74 16.54 35.50
CA ALA D 258 -11.88 17.50 34.83
C ALA D 258 -11.74 17.09 33.38
N LEU D 259 -12.43 17.80 32.49
CA LEU D 259 -12.49 17.47 31.08
C LEU D 259 -12.04 18.67 30.26
N LEU D 260 -11.51 18.40 29.07
CA LEU D 260 -11.25 19.47 28.10
C LEU D 260 -11.45 18.92 26.70
N LEU D 261 -12.36 19.54 25.95
CA LEU D 261 -12.57 19.18 24.55
C LEU D 261 -11.65 20.03 23.68
N ARG D 262 -10.74 19.36 22.97
CA ARG D 262 -9.80 20.04 22.08
C ARG D 262 -10.09 19.60 20.65
N ILE D 263 -10.39 20.58 19.80
CA ILE D 263 -10.70 20.35 18.39
C ILE D 263 -9.41 20.57 17.62
N LYS D 264 -8.69 19.47 17.37
CA LYS D 264 -7.38 19.58 16.72
C LYS D 264 -7.52 20.12 15.30
N HIS D 265 -8.50 19.62 14.54
CA HIS D 265 -8.67 20.00 13.14
C HIS D 265 -10.07 20.59 12.97
N PRO D 266 -10.19 21.91 12.86
CA PRO D 266 -11.53 22.53 12.83
C PRO D 266 -12.35 22.18 11.60
N ASP D 267 -11.75 21.62 10.55
CA ASP D 267 -12.50 21.27 9.35
C ASP D 267 -13.17 19.90 9.45
N ALA D 268 -12.97 19.19 10.55
CA ALA D 268 -13.55 17.86 10.74
C ALA D 268 -15.00 17.90 11.18
N ILE D 269 -15.57 19.08 11.38
CA ILE D 269 -16.95 19.19 11.84
C ILE D 269 -17.77 19.89 10.77
N CYS D 270 -19.07 19.62 10.75
CA CYS D 270 -19.96 20.26 9.80
C CYS D 270 -21.32 20.47 10.44
N THR D 271 -21.64 21.72 10.75
CA THR D 271 -22.92 22.05 11.36
C THR D 271 -23.97 22.36 10.29
N LEU D 272 -25.23 22.32 10.71
CA LEU D 272 -26.32 22.67 9.81
C LEU D 272 -27.00 23.96 10.26
N PRO E 1 12.87 -11.74 12.86
CA PRO E 1 13.68 -11.31 11.71
C PRO E 1 12.99 -11.61 10.38
N GLU E 2 11.93 -12.42 10.43
CA GLU E 2 11.20 -12.81 9.24
C GLU E 2 10.24 -11.69 8.82
N LYS E 3 9.31 -12.00 7.92
CA LYS E 3 8.39 -10.99 7.42
C LYS E 3 7.53 -10.43 8.55
N ARG E 4 6.91 -11.32 9.33
CA ARG E 4 6.18 -10.96 10.55
C ARG E 4 5.09 -9.94 10.26
N LEU E 5 4.06 -10.42 9.54
CA LEU E 5 2.92 -9.58 9.19
C LEU E 5 2.37 -8.89 10.44
N THR E 6 1.82 -7.70 10.27
CA THR E 6 1.25 -7.00 11.41
C THR E 6 -0.25 -6.88 11.23
N VAL E 7 -0.66 -5.96 10.37
CA VAL E 7 -2.07 -5.81 10.02
C VAL E 7 -2.27 -6.49 8.67
N GLY E 8 -2.95 -7.62 8.68
CA GLY E 8 -3.16 -8.36 7.45
C GLY E 8 -4.11 -9.50 7.73
N SER E 9 -4.55 -10.12 6.63
CA SER E 9 -5.45 -11.27 6.68
C SER E 9 -6.69 -10.92 7.50
N LEU E 10 -7.16 -9.69 7.33
CA LEU E 10 -8.35 -9.24 8.04
C LEU E 10 -9.60 -10.00 7.61
N ARG E 11 -9.59 -10.57 6.41
CA ARG E 11 -10.68 -11.39 5.92
C ARG E 11 -10.95 -12.57 6.86
N PRO F 1 46.31 1.32 10.88
CA PRO F 1 45.66 2.63 10.71
C PRO F 1 46.56 3.62 9.97
N GLU F 2 46.97 3.30 8.75
CA GLU F 2 47.80 4.25 7.94
C GLU F 2 46.90 5.37 7.38
N LYS F 3 47.38 6.62 7.31
CA LYS F 3 46.48 7.64 6.70
C LYS F 3 46.22 7.22 5.26
N ARG F 4 47.27 6.80 4.55
CA ARG F 4 47.09 6.19 3.20
C ARG F 4 46.83 7.25 2.12
N LEU F 5 46.65 6.82 0.88
CA LEU F 5 46.22 7.72 -0.20
C LEU F 5 45.24 6.88 -1.02
N THR F 6 44.26 7.49 -1.70
CA THR F 6 43.28 6.63 -2.41
C THR F 6 43.65 6.61 -3.89
N VAL F 7 43.43 7.74 -4.57
CA VAL F 7 43.77 7.86 -6.01
C VAL F 7 45.12 8.56 -6.14
N GLY F 8 46.15 7.82 -6.56
CA GLY F 8 47.51 8.37 -6.71
C GLY F 8 47.58 9.32 -7.90
N SER F 9 48.56 10.22 -7.93
CA SER F 9 48.53 11.22 -9.03
C SER F 9 48.61 10.49 -10.36
N LEU F 10 47.78 10.92 -11.32
CA LEU F 10 47.75 10.29 -12.65
C LEU F 10 49.09 10.47 -13.36
N ARG F 11 49.69 11.65 -13.24
CA ARG F 11 50.98 11.94 -13.93
C ARG F 11 51.15 10.99 -15.11
N PRO G 1 -1.98 -44.77 -3.70
CA PRO G 1 -2.03 -45.67 -4.86
C PRO G 1 -3.45 -46.06 -5.23
N GLU G 2 -4.41 -45.72 -4.37
CA GLU G 2 -5.80 -46.00 -4.64
C GLU G 2 -6.33 -45.06 -5.71
N LYS G 3 -7.62 -45.21 -6.02
CA LYS G 3 -8.23 -44.35 -7.03
C LYS G 3 -8.21 -42.90 -6.56
N ARG G 4 -8.68 -42.65 -5.33
CA ARG G 4 -8.50 -41.37 -4.66
C ARG G 4 -9.02 -40.21 -5.51
N LEU G 5 -10.34 -40.20 -5.67
CA LEU G 5 -10.98 -39.07 -6.33
C LEU G 5 -10.58 -37.77 -5.64
N THR G 6 -10.05 -36.85 -6.44
CA THR G 6 -9.52 -35.58 -5.91
C THR G 6 -10.60 -34.51 -5.86
N VAL G 7 -11.18 -34.17 -7.01
CA VAL G 7 -12.29 -33.21 -7.05
C VAL G 7 -13.58 -34.02 -6.89
N GLY G 8 -13.98 -34.20 -5.64
CA GLY G 8 -15.19 -34.93 -5.35
C GLY G 8 -16.42 -34.17 -5.83
N SER G 9 -17.44 -34.91 -6.24
CA SER G 9 -18.59 -34.27 -6.86
C SER G 9 -19.27 -33.33 -5.85
N LEU G 10 -19.64 -32.15 -6.33
CA LEU G 10 -20.32 -31.18 -5.48
C LEU G 10 -21.67 -31.69 -5.00
N ARG G 11 -22.41 -32.35 -5.89
CA ARG G 11 -23.75 -32.89 -5.62
C ARG G 11 -24.59 -32.00 -4.69
N PRO H 1 -2.97 1.71 42.42
CA PRO H 1 -2.70 3.13 42.69
C PRO H 1 -2.56 3.94 41.40
N GLU H 2 -2.86 3.31 40.27
CA GLU H 2 -2.78 3.98 38.98
C GLU H 2 -4.00 4.89 38.81
N LYS H 3 -4.10 5.51 37.64
CA LYS H 3 -5.17 6.47 37.41
C LYS H 3 -6.54 5.80 37.48
N ARG H 4 -6.71 4.75 36.71
CA ARG H 4 -7.97 4.03 36.73
C ARG H 4 -9.13 4.93 36.38
N LEU H 5 -9.26 5.27 35.11
CA LEU H 5 -10.41 6.04 34.69
C LEU H 5 -11.64 5.29 35.17
N THR H 6 -12.65 6.01 35.64
CA THR H 6 -13.82 5.33 36.19
C THR H 6 -14.83 4.96 35.15
N VAL H 7 -15.51 5.94 34.61
CA VAL H 7 -16.57 5.71 33.63
C VAL H 7 -15.91 5.57 32.26
N GLY H 8 -15.84 4.34 31.79
CA GLY H 8 -15.19 4.05 30.53
C GLY H 8 -15.90 4.62 29.32
N SER H 9 -15.10 4.99 28.32
CA SER H 9 -15.66 5.61 27.12
C SER H 9 -16.58 4.62 26.43
N LEU H 10 -17.72 5.11 25.94
CA LEU H 10 -18.68 4.22 25.29
C LEU H 10 -18.09 3.61 24.03
N ARG H 11 -17.36 4.39 23.25
CA ARG H 11 -16.80 3.91 21.98
C ARG H 11 -15.91 2.70 22.18
#